data_1R4Q
#
_entry.id   1R4Q
#
_cell.length_a   133.000
_cell.length_b   147.180
_cell.length_c   82.850
_cell.angle_alpha   90.00
_cell.angle_beta   90.00
_cell.angle_gamma   90.00
#
_symmetry.space_group_name_H-M   'P 21 21 21'
#
loop_
_entity.id
_entity.type
_entity.pdbx_description
1 polymer 'SHT cytotoxin A subunit'
2 polymer 'Shigella toxin chain B'
3 water water
#
loop_
_entity_poly.entity_id
_entity_poly.type
_entity_poly.pdbx_seq_one_letter_code
_entity_poly.pdbx_strand_id
1 'polypeptide(L)'
;KEFTLDFSTAKTYVDSLNVIRSAIGTPLQTISSGGTSLLMIDSGTGDNLFAVDVRGIDPEEGRFNNLRLIVERNNLYVTG
FVNRTNNVFYRFADFSHVTFPGTTAVTLSGDSSYTTLQRVAGISRTGMQINRHSLTTSYLDLMSHSGTSLTQSVARAMLR
FVTVTAEALRFRQIQRGFRTTLDDLSGRSYVMTAEDVDLTLNWGRLSSVLPDYHGQDSVRVGRISFGSINAILGSVALIL
NCHHHASRVARMASDEFPSMCPADGRVRGITHNKILWDSSTLGAILMRRTISS
;
A,L
2 'polypeptide(L)' TPDCVTGKVEYTKYNDDDTFTVKVGDKELFTNRWNLQSLLLSAQITGMTVTIKTNACHNGGGFSEVIFR B,C,D,E,F,G,H,I,J,K
#
# COMPACT_ATOMS: atom_id res chain seq x y z
N LYS A 1 -15.02 51.19 32.30
CA LYS A 1 -13.83 50.44 32.78
C LYS A 1 -14.06 49.79 34.15
N GLU A 2 -15.32 49.79 34.62
CA GLU A 2 -15.65 49.16 35.91
C GLU A 2 -17.01 48.50 35.76
N PHE A 3 -17.06 47.19 35.83
CA PHE A 3 -18.33 46.47 35.71
C PHE A 3 -18.57 45.58 36.89
N THR A 4 -19.85 45.30 37.12
CA THR A 4 -20.24 44.46 38.22
C THR A 4 -20.80 43.12 37.81
N LEU A 5 -20.47 42.12 38.61
CA LEU A 5 -20.98 40.79 38.34
C LEU A 5 -21.64 40.32 39.62
N ASP A 6 -22.96 40.46 39.67
CA ASP A 6 -23.78 40.11 40.84
C ASP A 6 -24.16 38.60 40.87
N PHE A 7 -23.65 37.84 41.82
CA PHE A 7 -23.94 36.42 41.91
C PHE A 7 -25.12 36.13 42.84
N SER A 8 -25.89 37.18 43.15
CA SER A 8 -27.00 37.06 44.07
C SER A 8 -28.07 36.05 43.66
N THR A 9 -28.61 36.20 42.45
CA THR A 9 -29.58 35.22 41.97
C THR A 9 -29.32 34.96 40.50
N ALA A 10 -29.81 33.84 40.00
CA ALA A 10 -29.62 33.53 38.61
C ALA A 10 -30.03 34.77 37.76
N LYS A 11 -30.96 35.58 38.26
CA LYS A 11 -31.37 36.74 37.46
C LYS A 11 -30.31 37.87 37.46
N THR A 12 -29.82 38.23 38.65
CA THR A 12 -28.78 39.25 38.78
C THR A 12 -27.51 38.78 38.06
N TYR A 13 -27.27 37.46 38.04
CA TYR A 13 -26.06 36.94 37.41
C TYR A 13 -26.17 37.10 35.93
N VAL A 14 -27.24 36.58 35.37
CA VAL A 14 -27.44 36.72 33.94
C VAL A 14 -27.56 38.19 33.53
N ASP A 15 -28.26 39.01 34.30
CA ASP A 15 -28.40 40.41 33.89
C ASP A 15 -27.04 41.12 33.84
N SER A 16 -26.16 40.72 34.76
CA SER A 16 -24.81 41.28 34.83
C SER A 16 -24.02 40.97 33.57
N LEU A 17 -23.95 39.68 33.23
CA LEU A 17 -23.22 39.29 32.03
C LEU A 17 -23.75 40.07 30.85
N ASN A 18 -25.07 40.26 30.73
CA ASN A 18 -25.58 41.00 29.58
C ASN A 18 -25.13 42.45 29.53
N VAL A 19 -25.02 43.09 30.68
CA VAL A 19 -24.58 44.47 30.61
C VAL A 19 -23.21 44.63 29.94
N ILE A 20 -22.25 43.80 30.36
CA ILE A 20 -20.88 43.76 29.83
C ILE A 20 -20.79 43.39 28.33
N ARG A 21 -21.62 42.46 27.87
CA ARG A 21 -21.62 42.09 26.44
C ARG A 21 -22.09 43.23 25.54
N SER A 22 -23.07 44.01 26.00
CA SER A 22 -23.59 45.13 25.21
C SER A 22 -22.55 46.27 25.20
N ALA A 23 -21.79 46.33 26.28
CA ALA A 23 -20.76 47.34 26.44
C ALA A 23 -19.49 47.08 25.60
N ILE A 24 -19.18 45.83 25.30
CA ILE A 24 -17.95 45.59 24.55
C ILE A 24 -18.16 44.98 23.19
N GLY A 25 -19.39 44.69 22.82
CA GLY A 25 -19.58 44.06 21.52
C GLY A 25 -20.77 44.56 20.76
N THR A 26 -20.74 44.47 19.44
CA THR A 26 -21.86 44.94 18.65
C THR A 26 -22.45 43.78 17.87
N PRO A 27 -23.77 43.76 17.77
CA PRO A 27 -24.52 42.72 17.08
C PRO A 27 -24.23 42.53 15.62
N LEU A 28 -24.10 41.26 15.21
CA LEU A 28 -23.92 40.88 13.82
C LEU A 28 -25.36 40.60 13.37
N GLN A 29 -26.01 41.51 12.65
CA GLN A 29 -27.39 41.25 12.24
C GLN A 29 -27.58 40.03 11.37
N THR A 30 -26.48 39.49 10.89
CA THR A 30 -26.42 38.29 10.05
C THR A 30 -26.85 37.00 10.78
N ILE A 31 -26.51 36.89 12.07
CA ILE A 31 -26.84 35.73 12.89
C ILE A 31 -27.81 36.16 14.00
N SER A 32 -29.12 36.13 13.70
CA SER A 32 -30.13 36.60 14.66
C SER A 32 -31.49 35.88 14.63
N SER A 33 -32.10 35.70 15.80
CA SER A 33 -33.40 35.06 15.87
C SER A 33 -33.95 35.18 17.27
N GLY A 34 -35.21 35.62 17.36
CA GLY A 34 -35.85 35.79 18.65
C GLY A 34 -35.42 37.02 19.45
N GLY A 35 -34.85 38.02 18.77
CA GLY A 35 -34.43 39.18 19.53
C GLY A 35 -33.15 38.95 20.30
N THR A 36 -32.37 37.96 19.84
CA THR A 36 -31.05 37.63 20.40
C THR A 36 -30.13 37.66 19.20
N SER A 37 -29.01 38.37 19.30
CA SER A 37 -28.05 38.46 18.20
C SER A 37 -26.70 37.95 18.60
N LEU A 38 -25.94 37.39 17.65
CA LEU A 38 -24.59 36.96 17.99
C LEU A 38 -23.83 38.28 18.09
N LEU A 39 -23.06 38.53 19.16
CA LEU A 39 -22.30 39.80 19.27
C LEU A 39 -20.82 39.58 18.93
N MET A 40 -20.14 40.60 18.39
CA MET A 40 -18.71 40.54 18.03
C MET A 40 -17.94 41.59 18.81
N ILE A 41 -16.87 41.20 19.50
CA ILE A 41 -16.07 42.14 20.31
C ILE A 41 -15.59 43.29 19.45
N ASP A 42 -16.04 44.50 19.77
CA ASP A 42 -15.68 45.70 19.03
C ASP A 42 -14.19 45.99 19.23
N SER A 43 -13.36 45.42 18.33
CA SER A 43 -11.90 45.52 18.43
C SER A 43 -11.30 46.60 17.55
N GLY A 44 -12.18 47.43 16.97
CA GLY A 44 -11.73 48.50 16.12
C GLY A 44 -11.03 49.65 16.83
N THR A 45 -11.59 50.08 17.96
CA THR A 45 -11.00 51.20 18.67
C THR A 45 -10.05 50.80 19.84
N GLY A 46 -8.84 50.37 19.49
CA GLY A 46 -7.86 49.97 20.50
C GLY A 46 -8.25 48.96 21.59
N ASP A 47 -7.22 48.40 22.20
CA ASP A 47 -7.39 47.42 23.27
C ASP A 47 -7.28 48.14 24.62
N ASN A 48 -7.97 47.68 25.63
CA ASN A 48 -7.88 48.31 26.95
C ASN A 48 -8.20 47.30 28.02
N LEU A 49 -8.09 47.67 29.27
CA LEU A 49 -8.40 46.73 30.31
C LEU A 49 -9.59 47.28 31.09
N PHE A 50 -10.34 46.38 31.70
CA PHE A 50 -11.46 46.77 32.52
C PHE A 50 -11.57 45.90 33.73
N ALA A 51 -12.12 46.45 34.79
CA ALA A 51 -12.26 45.69 36.01
C ALA A 51 -13.63 45.10 36.11
N VAL A 52 -13.70 43.91 36.65
CA VAL A 52 -14.97 43.29 36.88
C VAL A 52 -15.00 42.99 38.38
N ASP A 53 -15.94 43.64 39.07
CA ASP A 53 -16.09 43.48 40.52
C ASP A 53 -17.06 42.38 40.87
N VAL A 54 -16.57 41.43 41.64
CA VAL A 54 -17.36 40.30 42.05
C VAL A 54 -18.17 40.72 43.25
N ARG A 55 -19.50 40.62 43.09
CA ARG A 55 -20.43 40.96 44.14
C ARG A 55 -21.54 39.90 44.26
N GLY A 56 -22.07 39.68 45.46
CA GLY A 56 -23.15 38.73 45.62
C GLY A 56 -22.85 37.29 46.00
N ILE A 57 -21.62 36.92 46.34
CA ILE A 57 -21.36 35.51 46.68
C ILE A 57 -22.18 35.15 47.90
N ASP A 58 -22.13 36.01 48.91
CA ASP A 58 -22.89 35.82 50.13
C ASP A 58 -23.98 36.86 49.95
N PRO A 59 -25.15 36.42 49.43
CA PRO A 59 -26.29 37.29 49.18
C PRO A 59 -26.94 37.78 50.48
N GLU A 60 -26.86 36.92 51.49
CA GLU A 60 -27.42 37.22 52.80
C GLU A 60 -26.90 38.56 53.33
N GLU A 61 -25.60 38.65 53.63
CA GLU A 61 -25.03 39.88 54.16
C GLU A 61 -24.10 40.67 53.24
N GLY A 62 -23.43 39.99 52.33
CA GLY A 62 -22.56 40.72 51.43
C GLY A 62 -21.25 41.19 52.01
N ARG A 63 -20.41 40.24 52.35
CA ARG A 63 -19.09 40.53 52.90
C ARG A 63 -18.07 40.46 51.77
N PHE A 64 -18.05 39.30 51.13
CA PHE A 64 -17.15 38.96 50.04
C PHE A 64 -17.19 39.87 48.83
N ASN A 65 -16.94 41.15 49.04
CA ASN A 65 -16.95 42.13 47.95
C ASN A 65 -15.59 42.74 47.67
N ASN A 66 -14.53 42.08 48.07
CA ASN A 66 -13.22 42.65 47.82
C ASN A 66 -12.42 42.01 46.67
N LEU A 67 -13.09 41.24 45.82
CA LEU A 67 -12.47 40.58 44.68
C LEU A 67 -12.73 41.38 43.45
N ARG A 68 -11.71 41.58 42.65
CA ARG A 68 -11.86 42.35 41.43
C ARG A 68 -11.01 41.66 40.35
N LEU A 69 -11.59 41.39 39.17
CA LEU A 69 -10.83 40.70 38.12
C LEU A 69 -10.50 41.67 37.00
N ILE A 70 -9.25 41.64 36.54
CA ILE A 70 -8.79 42.55 35.50
C ILE A 70 -8.86 41.79 34.18
N VAL A 71 -9.63 42.34 33.27
CA VAL A 71 -9.87 41.68 32.01
C VAL A 71 -9.42 42.45 30.80
N GLU A 72 -8.74 41.80 29.86
CA GLU A 72 -8.30 42.45 28.64
C GLU A 72 -9.52 42.45 27.75
N ARG A 73 -9.68 43.42 26.88
CA ARG A 73 -10.89 43.45 26.11
C ARG A 73 -11.03 42.73 24.77
N ASN A 74 -10.12 42.94 23.82
CA ASN A 74 -10.23 42.30 22.50
C ASN A 74 -10.24 40.75 22.49
N ASN A 75 -9.61 40.11 23.48
CA ASN A 75 -9.58 38.65 23.55
C ASN A 75 -10.20 38.12 24.87
N LEU A 76 -10.56 39.03 25.76
CA LEU A 76 -11.13 38.69 27.07
C LEU A 76 -10.22 37.77 27.90
N TYR A 77 -8.93 38.05 27.85
CA TYR A 77 -7.92 37.36 28.62
C TYR A 77 -8.17 37.82 30.06
N VAL A 78 -8.18 36.92 31.03
CA VAL A 78 -8.33 37.38 32.41
C VAL A 78 -6.87 37.50 32.82
N THR A 79 -6.38 38.73 32.98
CA THR A 79 -4.96 38.96 33.31
C THR A 79 -4.62 38.76 34.76
N GLY A 80 -5.62 38.61 35.62
CA GLY A 80 -5.35 38.38 37.03
C GLY A 80 -6.38 39.00 37.95
N PHE A 81 -6.11 38.88 39.25
CA PHE A 81 -7.00 39.44 40.27
C PHE A 81 -6.39 40.57 41.13
N VAL A 82 -7.29 41.35 41.73
CA VAL A 82 -6.92 42.47 42.59
C VAL A 82 -7.63 42.32 43.92
N ASN A 83 -6.87 42.25 44.99
CA ASN A 83 -7.36 42.15 46.38
C ASN A 83 -7.68 43.60 46.80
N ARG A 84 -8.95 44.03 46.79
CA ARG A 84 -9.31 45.41 47.12
C ARG A 84 -8.94 45.83 48.53
N THR A 85 -8.45 44.90 49.32
CA THR A 85 -8.10 45.22 50.66
C THR A 85 -6.75 45.96 50.75
N ASN A 86 -5.71 45.46 50.08
CA ASN A 86 -4.40 46.11 50.10
C ASN A 86 -4.04 46.63 48.72
N ASN A 87 -5.01 46.52 47.82
CA ASN A 87 -4.92 46.97 46.45
C ASN A 87 -3.80 46.47 45.53
N VAL A 88 -3.29 45.28 45.86
CA VAL A 88 -2.24 44.62 45.11
C VAL A 88 -2.91 43.81 44.01
N PHE A 89 -2.52 44.07 42.78
CA PHE A 89 -3.06 43.40 41.60
C PHE A 89 -2.08 42.30 41.22
N TYR A 90 -2.43 41.05 41.50
CA TYR A 90 -1.58 39.88 41.17
C TYR A 90 -1.89 39.46 39.72
N ARG A 91 -0.91 39.60 38.83
CA ARG A 91 -1.13 39.29 37.43
C ARG A 91 -0.35 38.06 37.02
N PHE A 92 -0.85 37.34 36.03
CA PHE A 92 -0.17 36.13 35.56
C PHE A 92 1.15 36.45 34.86
N ALA A 93 2.06 35.48 34.94
CA ALA A 93 3.39 35.60 34.34
C ALA A 93 3.41 36.01 32.87
N ASP A 94 2.36 35.69 32.13
CA ASP A 94 2.33 36.03 30.72
C ASP A 94 1.84 37.43 30.47
N PHE A 95 1.73 38.20 31.56
CA PHE A 95 1.30 39.60 31.47
C PHE A 95 2.15 40.36 32.48
N SER A 96 3.46 40.13 32.46
CA SER A 96 4.41 40.77 33.37
C SER A 96 4.42 42.27 33.34
N HIS A 97 3.97 42.87 32.24
CA HIS A 97 3.96 44.32 32.06
C HIS A 97 2.60 44.96 32.09
N VAL A 98 1.61 44.27 32.60
CA VAL A 98 0.29 44.86 32.62
C VAL A 98 0.15 45.59 33.95
N THR A 99 -0.56 46.73 33.96
CA THR A 99 -0.78 47.46 35.20
C THR A 99 -2.17 48.03 35.16
N PHE A 100 -2.73 48.22 36.35
CA PHE A 100 -4.07 48.78 36.44
C PHE A 100 -4.05 49.97 37.39
N PRO A 101 -4.62 51.10 36.96
CA PRO A 101 -4.70 52.34 37.74
C PRO A 101 -5.13 52.12 39.17
N GLY A 102 -4.47 52.80 40.09
CA GLY A 102 -4.83 52.61 41.47
C GLY A 102 -4.21 51.37 42.10
N THR A 103 -3.40 50.63 41.39
CA THR A 103 -2.86 49.46 42.05
C THR A 103 -1.35 49.34 42.03
N THR A 104 -0.82 48.58 42.97
CA THR A 104 0.59 48.29 42.98
C THR A 104 0.51 46.91 42.23
N ALA A 105 1.59 46.21 41.90
CA ALA A 105 1.46 44.97 41.12
C ALA A 105 2.46 43.89 41.44
N VAL A 106 2.02 42.63 41.55
CA VAL A 106 2.86 41.50 41.89
C VAL A 106 2.67 40.41 40.87
N THR A 107 3.77 39.96 40.25
CA THR A 107 3.74 38.92 39.21
C THR A 107 3.77 37.50 39.76
N LEU A 108 2.83 36.68 39.31
CA LEU A 108 2.74 35.31 39.78
C LEU A 108 3.69 34.37 39.00
N SER A 109 4.08 33.27 39.65
CA SER A 109 5.04 32.33 39.05
C SER A 109 4.58 31.58 37.84
N GLY A 110 3.27 31.41 37.71
CA GLY A 110 2.72 30.69 36.57
C GLY A 110 1.97 31.58 35.57
N ASP A 111 1.72 31.04 34.38
CA ASP A 111 1.01 31.80 33.37
C ASP A 111 -0.48 31.49 33.44
N SER A 112 -1.26 32.20 32.62
CA SER A 112 -2.72 32.09 32.57
C SER A 112 -3.40 30.92 31.86
N SER A 113 -2.75 30.33 30.86
CA SER A 113 -3.27 29.19 30.10
C SER A 113 -3.95 28.12 30.93
N TYR A 114 -4.83 27.35 30.30
CA TYR A 114 -5.52 26.27 31.05
C TYR A 114 -4.61 25.13 31.36
N THR A 115 -3.60 24.93 30.51
CA THR A 115 -2.64 23.87 30.69
C THR A 115 -1.95 24.04 32.04
N THR A 116 -1.58 25.27 32.37
CA THR A 116 -0.95 25.55 33.65
C THR A 116 -1.92 25.53 34.82
N LEU A 117 -3.06 26.21 34.68
CA LEU A 117 -4.02 26.22 35.79
C LEU A 117 -4.41 24.75 36.16
N GLN A 118 -4.55 23.90 35.15
CA GLN A 118 -4.92 22.53 35.42
C GLN A 118 -3.81 21.73 36.06
N ARG A 119 -2.54 22.01 35.72
CA ARG A 119 -1.43 21.30 36.36
C ARG A 119 -1.45 21.69 37.82
N VAL A 120 -1.14 22.94 38.10
CA VAL A 120 -1.11 23.45 39.44
C VAL A 120 -2.36 23.12 40.24
N ALA A 121 -3.54 23.38 39.68
CA ALA A 121 -4.82 23.10 40.35
C ALA A 121 -5.02 21.62 40.73
N GLY A 122 -4.40 20.73 39.96
CA GLY A 122 -4.49 19.31 40.22
C GLY A 122 -5.79 18.69 39.77
N ILE A 123 -6.52 19.39 38.93
CA ILE A 123 -7.79 18.85 38.45
C ILE A 123 -8.00 19.25 37.01
N SER A 124 -8.99 18.64 36.38
CA SER A 124 -9.26 19.01 35.02
C SER A 124 -10.63 19.69 34.96
N ARG A 125 -10.81 20.52 33.93
CA ARG A 125 -12.06 21.25 33.70
C ARG A 125 -13.25 20.34 33.42
N THR A 126 -12.98 19.26 32.67
CA THR A 126 -14.01 18.29 32.34
C THR A 126 -14.37 17.58 33.62
N GLY A 127 -15.62 17.72 34.02
CA GLY A 127 -16.07 17.13 35.25
C GLY A 127 -15.96 18.11 36.40
N MET A 128 -15.35 19.28 36.20
CA MET A 128 -15.19 20.23 37.30
C MET A 128 -16.53 20.69 37.84
N GLN A 129 -16.67 20.81 39.16
CA GLN A 129 -17.95 21.22 39.75
C GLN A 129 -17.91 22.65 40.29
N ILE A 130 -19.08 23.32 40.28
CA ILE A 130 -19.15 24.69 40.76
C ILE A 130 -20.52 25.00 41.34
N ASN A 131 -20.54 25.68 42.48
CA ASN A 131 -21.78 26.13 43.14
C ASN A 131 -21.41 27.27 44.06
N ARG A 132 -22.37 27.81 44.80
CA ARG A 132 -22.08 28.93 45.69
C ARG A 132 -21.09 28.47 46.73
N HIS A 133 -21.19 27.23 47.19
CA HIS A 133 -20.21 26.85 48.15
C HIS A 133 -18.81 26.94 47.55
N SER A 134 -18.53 26.23 46.45
CA SER A 134 -17.18 26.30 45.90
C SER A 134 -16.74 27.71 45.54
N LEU A 135 -17.67 28.59 45.19
CA LEU A 135 -17.31 29.96 44.85
C LEU A 135 -16.98 30.75 46.11
N THR A 136 -17.69 30.49 47.20
CA THR A 136 -17.39 31.20 48.44
C THR A 136 -15.98 30.80 48.80
N THR A 137 -15.71 29.50 48.79
CA THR A 137 -14.38 28.96 49.09
C THR A 137 -13.31 29.60 48.19
N SER A 138 -13.53 29.61 46.88
CA SER A 138 -12.55 30.14 45.96
C SER A 138 -12.26 31.63 46.22
N TYR A 139 -13.25 32.37 46.74
CA TYR A 139 -13.03 33.78 47.06
C TYR A 139 -12.05 33.85 48.24
N LEU A 140 -12.37 33.20 49.34
CA LEU A 140 -11.50 33.27 50.47
C LEU A 140 -10.06 32.89 50.10
N ASP A 141 -9.88 31.86 49.29
CA ASP A 141 -8.53 31.46 48.89
C ASP A 141 -7.70 32.57 48.22
N LEU A 142 -8.31 33.30 47.30
CA LEU A 142 -7.63 34.38 46.60
C LEU A 142 -7.39 35.54 47.53
N MET A 143 -8.35 35.81 48.41
CA MET A 143 -8.25 36.92 49.36
C MET A 143 -7.17 36.72 50.39
N SER A 144 -6.98 35.48 50.80
CA SER A 144 -5.99 35.22 51.80
C SER A 144 -4.65 34.93 51.15
N HIS A 145 -4.53 35.33 49.88
CA HIS A 145 -3.30 35.08 49.16
C HIS A 145 -2.42 36.30 49.13
N SER A 146 -1.15 36.05 49.36
CA SER A 146 -0.12 37.07 49.31
C SER A 146 1.04 36.30 48.68
N GLY A 147 1.96 37.00 48.06
CA GLY A 147 3.06 36.25 47.52
C GLY A 147 3.16 36.19 46.03
N THR A 148 4.21 35.50 45.63
CA THR A 148 4.56 35.34 44.24
C THR A 148 4.08 34.09 43.55
N SER A 149 4.02 33.02 44.33
CA SER A 149 3.66 31.71 43.81
C SER A 149 2.22 31.47 43.41
N LEU A 150 2.04 30.73 42.32
CA LEU A 150 0.71 30.36 41.85
C LEU A 150 0.45 29.03 42.57
N THR A 151 -0.23 29.11 43.71
CA THR A 151 -0.52 27.90 44.51
C THR A 151 -1.77 27.12 44.06
N GLN A 152 -1.79 25.83 44.38
CA GLN A 152 -2.93 24.96 44.01
C GLN A 152 -4.27 25.67 44.35
N SER A 153 -4.30 26.36 45.47
CA SER A 153 -5.52 27.03 45.86
C SER A 153 -5.89 28.16 44.93
N VAL A 154 -4.91 28.87 44.41
CA VAL A 154 -5.20 30.01 43.53
C VAL A 154 -5.61 29.52 42.16
N ALA A 155 -4.93 28.50 41.66
CA ALA A 155 -5.23 27.89 40.36
C ALA A 155 -6.68 27.35 40.37
N ARG A 156 -7.05 26.60 41.41
CA ARG A 156 -8.42 26.12 41.50
C ARG A 156 -9.36 27.28 41.60
N ALA A 157 -9.03 28.30 42.37
CA ALA A 157 -9.95 29.39 42.49
C ALA A 157 -10.10 30.12 41.14
N MET A 158 -9.03 30.21 40.34
CA MET A 158 -9.12 30.90 39.04
C MET A 158 -9.77 30.04 37.94
N LEU A 159 -9.58 28.73 37.99
CA LEU A 159 -10.22 27.89 37.00
C LEU A 159 -11.70 28.20 37.12
N ARG A 160 -12.17 28.29 38.36
CA ARG A 160 -13.56 28.53 38.60
C ARG A 160 -14.06 29.89 38.22
N PHE A 161 -13.38 30.95 38.63
CA PHE A 161 -13.87 32.27 38.30
C PHE A 161 -13.68 32.59 36.84
N VAL A 162 -12.74 31.93 36.18
CA VAL A 162 -12.52 32.25 34.78
C VAL A 162 -13.65 31.60 34.01
N THR A 163 -14.13 30.48 34.52
CA THR A 163 -15.24 29.80 33.85
C THR A 163 -16.55 30.56 33.94
N VAL A 164 -16.88 31.05 35.14
CA VAL A 164 -18.11 31.78 35.33
C VAL A 164 -18.03 33.21 34.93
N THR A 165 -16.87 33.71 34.55
CA THR A 165 -16.91 35.09 34.10
C THR A 165 -16.62 35.12 32.60
N ALA A 166 -15.37 34.88 32.23
CA ALA A 166 -15.03 34.95 30.80
C ALA A 166 -15.65 33.89 29.92
N GLU A 167 -15.59 32.63 30.32
CA GLU A 167 -16.18 31.60 29.50
C GLU A 167 -17.71 31.84 29.37
N ALA A 168 -18.39 32.19 30.49
CA ALA A 168 -19.82 32.46 30.48
C ALA A 168 -20.12 33.67 29.61
N LEU A 169 -19.25 34.66 29.70
CA LEU A 169 -19.40 35.82 28.88
C LEU A 169 -19.42 35.44 27.42
N ARG A 170 -18.55 34.53 27.01
CA ARG A 170 -18.50 34.13 25.61
C ARG A 170 -19.57 33.14 25.18
N PHE A 171 -20.00 32.28 26.10
CA PHE A 171 -20.96 31.23 25.75
C PHE A 171 -22.20 31.14 26.62
N ARG A 172 -23.31 31.38 25.96
CA ARG A 172 -24.60 31.31 26.59
C ARG A 172 -24.77 29.87 27.15
N GLN A 173 -24.15 28.88 26.47
CA GLN A 173 -24.24 27.50 26.92
C GLN A 173 -23.66 27.40 28.32
N ILE A 174 -22.47 27.94 28.57
CA ILE A 174 -21.94 27.84 29.91
C ILE A 174 -22.75 28.70 30.90
N GLN A 175 -23.27 29.84 30.48
CA GLN A 175 -24.06 30.58 31.48
C GLN A 175 -25.34 29.85 31.84
N ARG A 176 -26.00 29.24 30.87
CA ARG A 176 -27.25 28.55 31.10
C ARG A 176 -27.05 27.42 32.05
N GLY A 177 -25.98 26.68 31.84
CA GLY A 177 -25.70 25.56 32.69
C GLY A 177 -25.40 25.90 34.11
N PHE A 178 -24.56 26.91 34.33
CA PHE A 178 -24.15 27.33 35.68
C PHE A 178 -25.23 28.09 36.48
N ARG A 179 -25.85 29.05 35.80
CA ARG A 179 -26.92 29.91 36.27
C ARG A 179 -27.80 29.30 37.36
N THR A 180 -28.43 28.20 37.00
CA THR A 180 -29.33 27.50 37.89
C THR A 180 -28.81 27.06 39.31
N THR A 181 -27.50 26.91 39.56
CA THR A 181 -27.12 26.55 40.93
C THR A 181 -27.15 27.73 41.88
N LEU A 182 -27.50 28.90 41.36
CA LEU A 182 -27.58 30.13 42.17
C LEU A 182 -28.97 30.28 42.83
N ASP A 183 -29.98 29.66 42.21
CA ASP A 183 -31.35 29.72 42.68
C ASP A 183 -31.72 28.41 43.34
N ASP A 184 -30.95 27.35 43.04
CA ASP A 184 -31.17 26.02 43.65
C ASP A 184 -30.80 26.03 45.15
N LEU A 185 -31.82 25.88 45.99
CA LEU A 185 -31.69 25.92 47.46
C LEU A 185 -30.90 24.76 48.09
N SER A 186 -31.02 23.57 47.52
CA SER A 186 -30.35 22.36 48.01
C SER A 186 -28.83 22.28 47.73
N GLY A 187 -28.29 23.29 47.04
CA GLY A 187 -26.88 23.33 46.72
C GLY A 187 -26.35 22.24 45.79
N ARG A 188 -27.09 21.97 44.72
CA ARG A 188 -26.69 20.98 43.73
C ARG A 188 -25.23 21.19 43.34
N SER A 189 -25.07 21.81 42.16
CA SER A 189 -23.77 22.11 41.56
C SER A 189 -23.72 21.82 40.05
N TYR A 190 -23.18 22.78 39.31
CA TYR A 190 -22.98 22.71 37.86
C TYR A 190 -21.70 21.86 37.58
N VAL A 191 -21.79 21.00 36.57
CA VAL A 191 -20.67 20.14 36.20
C VAL A 191 -20.29 20.49 34.78
N MET A 192 -19.04 20.89 34.57
CA MET A 192 -18.60 21.31 33.26
C MET A 192 -18.39 20.09 32.40
N THR A 193 -19.30 19.87 31.47
CA THR A 193 -19.29 18.73 30.58
C THR A 193 -18.20 18.83 29.51
N ALA A 194 -17.86 17.70 28.90
CA ALA A 194 -16.85 17.67 27.88
C ALA A 194 -17.34 18.53 26.76
N GLU A 195 -18.64 18.58 26.49
CA GLU A 195 -19.12 19.45 25.40
C GLU A 195 -18.85 20.88 25.77
N ASP A 196 -19.06 21.25 27.02
CA ASP A 196 -18.75 22.60 27.45
C ASP A 196 -17.30 22.90 27.22
N VAL A 197 -16.39 22.00 27.57
CA VAL A 197 -14.95 22.24 27.31
C VAL A 197 -14.65 22.34 25.80
N ASP A 198 -15.15 21.41 25.00
CA ASP A 198 -14.92 21.41 23.54
C ASP A 198 -15.27 22.78 22.97
N LEU A 199 -16.25 23.44 23.59
CA LEU A 199 -16.67 24.74 23.13
C LEU A 199 -15.56 25.72 23.37
N THR A 200 -15.05 25.72 24.62
CA THR A 200 -14.01 26.66 24.93
C THR A 200 -12.78 26.48 24.03
N LEU A 201 -12.38 25.27 23.70
CA LEU A 201 -11.22 25.13 22.83
C LEU A 201 -11.44 25.58 21.40
N ASN A 202 -12.66 25.90 21.00
CA ASN A 202 -12.84 26.28 19.61
C ASN A 202 -13.31 27.74 19.36
N TRP A 203 -13.05 28.62 20.32
CA TRP A 203 -13.49 30.00 20.20
C TRP A 203 -12.85 30.72 19.04
N GLY A 204 -11.53 30.61 18.93
CA GLY A 204 -10.84 31.24 17.82
C GLY A 204 -11.36 30.82 16.46
N ARG A 205 -11.38 29.49 16.20
CA ARG A 205 -11.84 28.93 14.94
C ARG A 205 -13.31 29.27 14.66
N LEU A 206 -14.16 29.26 15.68
CA LEU A 206 -15.55 29.62 15.45
C LEU A 206 -15.66 31.09 15.05
N SER A 207 -14.94 31.97 15.76
CA SER A 207 -14.95 33.41 15.55
C SER A 207 -14.54 33.75 14.19
N SER A 208 -13.68 32.88 13.67
CA SER A 208 -13.18 33.06 12.33
C SER A 208 -14.22 32.67 11.28
N VAL A 209 -14.81 31.49 11.45
CA VAL A 209 -15.81 31.00 10.51
C VAL A 209 -17.18 31.64 10.55
N LEU A 210 -17.75 31.90 11.73
CA LEU A 210 -19.12 32.44 11.86
C LEU A 210 -19.56 33.68 11.10
N PRO A 211 -18.66 34.67 10.88
CA PRO A 211 -19.20 35.79 10.11
C PRO A 211 -19.45 35.39 8.63
N ASP A 212 -18.85 34.27 8.19
CA ASP A 212 -19.02 33.77 6.81
C ASP A 212 -20.42 33.15 6.66
N TYR A 213 -21.17 33.11 7.76
CA TYR A 213 -22.50 32.52 7.84
C TYR A 213 -23.55 33.30 7.08
N HIS A 214 -24.33 32.61 6.25
CA HIS A 214 -25.37 33.23 5.44
C HIS A 214 -26.55 32.27 5.24
N GLY A 215 -26.98 31.64 6.32
CA GLY A 215 -28.10 30.73 6.24
C GLY A 215 -27.84 29.29 5.85
N GLN A 216 -26.67 28.74 6.14
CA GLN A 216 -26.50 27.35 5.78
C GLN A 216 -27.35 26.53 6.77
N ASP A 217 -27.65 25.29 6.44
CA ASP A 217 -28.41 24.43 7.33
C ASP A 217 -27.64 24.25 8.64
N SER A 218 -26.34 23.94 8.54
CA SER A 218 -25.49 23.72 9.71
C SER A 218 -24.06 24.25 9.62
N VAL A 219 -23.43 24.37 10.77
CA VAL A 219 -22.07 24.86 10.91
C VAL A 219 -21.25 23.86 11.71
N ARG A 220 -20.17 23.36 11.12
CA ARG A 220 -19.33 22.39 11.79
C ARG A 220 -17.88 22.86 11.93
N VAL A 221 -17.39 22.92 13.16
CA VAL A 221 -16.02 23.34 13.44
C VAL A 221 -15.45 22.38 14.48
N GLY A 222 -14.49 21.55 14.13
CA GLY A 222 -14.00 20.68 15.17
C GLY A 222 -15.07 19.74 15.67
N ARG A 223 -15.10 19.53 16.97
CA ARG A 223 -16.06 18.62 17.57
C ARG A 223 -17.37 19.33 17.81
N ILE A 224 -17.42 20.61 17.52
CA ILE A 224 -18.65 21.36 17.74
C ILE A 224 -19.57 21.31 16.51
N SER A 225 -20.85 21.05 16.71
CA SER A 225 -21.73 20.99 15.53
C SER A 225 -23.08 21.64 15.78
N PHE A 226 -23.48 22.55 14.91
CA PHE A 226 -24.75 23.23 15.14
C PHE A 226 -25.78 22.85 14.09
N GLY A 227 -26.99 22.52 14.53
CA GLY A 227 -28.00 22.08 13.61
C GLY A 227 -28.76 23.19 12.95
N SER A 228 -28.81 24.33 13.63
CA SER A 228 -29.52 25.48 13.12
C SER A 228 -29.03 26.74 13.82
N ILE A 229 -29.54 27.86 13.34
CA ILE A 229 -29.26 29.18 13.85
C ILE A 229 -29.56 29.21 15.36
N ASN A 230 -30.60 28.51 15.78
CA ASN A 230 -30.98 28.52 17.18
C ASN A 230 -30.05 27.70 18.02
N ALA A 231 -29.48 26.65 17.44
CA ALA A 231 -28.56 25.87 18.21
C ALA A 231 -27.34 26.75 18.45
N ILE A 232 -27.02 27.63 17.48
CA ILE A 232 -25.86 28.51 17.59
C ILE A 232 -26.02 29.54 18.67
N LEU A 233 -27.11 30.30 18.61
CA LEU A 233 -27.32 31.35 19.59
C LEU A 233 -27.54 30.84 20.99
N GLY A 234 -27.93 29.58 21.09
CA GLY A 234 -28.15 29.01 22.42
C GLY A 234 -26.83 28.63 23.04
N SER A 235 -25.80 28.61 22.19
CA SER A 235 -24.47 28.20 22.60
C SER A 235 -23.39 29.30 22.65
N VAL A 236 -23.28 30.09 21.59
CA VAL A 236 -22.29 31.16 21.52
C VAL A 236 -22.95 32.54 21.65
N ALA A 237 -22.41 33.40 22.51
CA ALA A 237 -23.01 34.73 22.67
C ALA A 237 -22.07 35.84 22.22
N LEU A 238 -20.77 35.55 22.12
CA LEU A 238 -19.79 36.60 21.82
C LEU A 238 -18.56 36.10 21.06
N ILE A 239 -18.24 36.68 19.90
CA ILE A 239 -17.07 36.23 19.17
C ILE A 239 -16.05 37.34 18.95
N LEU A 240 -14.81 36.95 18.63
CA LEU A 240 -13.69 37.84 18.37
C LEU A 240 -13.82 38.51 17.03
N ASN A 241 -13.09 39.63 16.86
CA ASN A 241 -13.08 40.30 15.56
C ASN A 241 -11.78 39.88 14.91
N CYS A 242 -11.85 39.07 13.87
CA CYS A 242 -10.65 38.61 13.20
C CYS A 242 -10.58 39.18 11.77
N HIS A 243 -11.44 40.14 11.42
CA HIS A 243 -11.46 40.76 10.08
C HIS A 243 -10.31 40.29 9.17
N PHE A 257 -0.47 41.34 23.95
CA PHE A 257 -1.70 40.52 23.93
C PHE A 257 -1.92 39.73 22.65
N PRO A 258 -1.31 38.54 22.55
CA PRO A 258 -1.44 37.69 21.35
C PRO A 258 -2.94 37.50 20.94
N SER A 259 -3.28 37.74 19.67
CA SER A 259 -4.67 37.57 19.24
C SER A 259 -5.09 36.11 19.30
N MET A 260 -6.32 35.84 19.72
CA MET A 260 -6.83 34.47 19.77
C MET A 260 -7.34 33.99 18.38
N CYS A 261 -7.27 34.85 17.37
CA CYS A 261 -7.69 34.47 16.04
C CYS A 261 -6.67 33.60 15.36
N PRO A 262 -7.12 32.65 14.53
CA PRO A 262 -6.13 31.82 13.86
C PRO A 262 -5.23 32.70 13.01
N ALA A 263 -4.03 32.20 12.75
CA ALA A 263 -3.00 32.89 11.96
C ALA A 263 -3.48 33.22 10.54
N ASP A 264 -3.73 34.50 10.28
CA ASP A 264 -4.25 34.99 8.98
C ASP A 264 -4.24 34.11 7.71
N GLY A 265 -5.46 33.85 7.22
CA GLY A 265 -5.71 33.08 6.01
C GLY A 265 -5.50 31.57 6.01
N ARG A 266 -5.67 30.95 7.16
CA ARG A 266 -5.46 29.51 7.26
C ARG A 266 -6.72 28.88 7.78
N VAL A 267 -7.67 29.73 8.12
CA VAL A 267 -8.96 29.22 8.54
C VAL A 267 -9.99 30.10 7.89
N ARG A 268 -10.50 29.53 6.80
CA ARG A 268 -11.52 30.15 6.02
C ARG A 268 -12.69 29.21 6.11
N GLY A 269 -13.91 29.75 6.06
CA GLY A 269 -15.08 28.91 6.08
C GLY A 269 -15.27 28.50 4.63
N ILE A 270 -15.59 27.23 4.42
CA ILE A 270 -15.86 26.65 3.11
C ILE A 270 -17.30 26.10 3.15
N THR A 271 -18.15 26.40 2.16
CA THR A 271 -19.50 25.86 2.26
C THR A 271 -19.69 24.84 1.21
N HIS A 272 -20.20 23.66 1.61
CA HIS A 272 -20.53 22.57 0.68
C HIS A 272 -21.85 21.90 1.01
N ASN A 273 -22.76 21.99 0.04
CA ASN A 273 -24.09 21.39 0.12
C ASN A 273 -24.86 21.90 1.35
N LYS A 274 -24.95 23.21 1.48
CA LYS A 274 -25.67 23.82 2.61
C LYS A 274 -25.03 23.64 3.99
N ILE A 275 -23.77 23.18 4.07
CA ILE A 275 -23.06 23.00 5.37
C ILE A 275 -21.78 23.83 5.37
N LEU A 276 -21.64 24.70 6.38
CA LEU A 276 -20.49 25.57 6.57
C LEU A 276 -19.42 24.93 7.48
N TRP A 277 -18.24 24.67 6.91
CA TRP A 277 -17.09 24.04 7.57
C TRP A 277 -15.90 25.00 7.82
N ASP A 278 -15.03 24.74 8.81
CA ASP A 278 -13.85 25.60 8.94
C ASP A 278 -12.91 24.75 8.09
N SER A 279 -12.02 25.38 7.33
CA SER A 279 -11.16 24.63 6.39
C SER A 279 -10.08 23.70 6.96
N SER A 280 -9.62 23.98 8.19
CA SER A 280 -8.64 23.11 8.85
C SER A 280 -9.32 21.77 9.13
N THR A 281 -10.54 21.80 9.70
CA THR A 281 -11.26 20.56 9.95
C THR A 281 -11.52 19.83 8.66
N LEU A 282 -12.02 20.51 7.66
CA LEU A 282 -12.28 19.81 6.41
C LEU A 282 -11.01 19.17 5.87
N GLY A 283 -9.91 19.92 5.92
CA GLY A 283 -8.65 19.41 5.39
C GLY A 283 -8.11 18.19 6.08
N ALA A 284 -8.17 18.18 7.41
CA ALA A 284 -7.68 17.07 8.21
C ALA A 284 -8.46 15.77 8.05
N ILE A 285 -9.76 15.81 7.74
CA ILE A 285 -10.51 14.55 7.62
C ILE A 285 -10.62 13.99 6.20
N LEU A 286 -10.09 14.72 5.23
CA LEU A 286 -10.17 14.31 3.82
C LEU A 286 -9.01 13.51 3.33
N MET A 287 -8.05 13.28 4.21
CA MET A 287 -6.91 12.50 3.83
C MET A 287 -7.17 11.01 3.94
N ARG A 288 -7.46 10.34 2.83
CA ARG A 288 -7.64 8.89 2.91
C ARG A 288 -6.28 8.32 2.44
N ARG A 289 -5.78 7.32 3.18
CA ARG A 289 -4.50 6.67 2.89
C ARG A 289 -4.68 5.47 1.94
N LYS B 1 34.56 -42.43 -29.63
CA LYS B 1 35.22 -41.47 -30.59
C LYS B 1 34.40 -41.22 -31.89
N GLU B 2 33.60 -42.20 -32.34
CA GLU B 2 32.74 -42.03 -33.52
C GLU B 2 31.52 -42.97 -33.42
N PHE B 3 30.30 -42.45 -33.65
CA PHE B 3 29.05 -43.20 -33.55
C PHE B 3 28.24 -43.00 -34.80
N THR B 4 27.46 -44.00 -35.20
CA THR B 4 26.63 -43.85 -36.39
C THR B 4 25.21 -43.46 -35.99
N LEU B 5 24.54 -42.72 -36.88
CA LEU B 5 23.16 -42.32 -36.65
C LEU B 5 22.38 -42.60 -37.96
N ASP B 6 21.85 -43.82 -38.00
CA ASP B 6 21.09 -44.42 -39.10
C ASP B 6 19.63 -43.97 -39.18
N PHE B 7 19.26 -43.24 -40.24
CA PHE B 7 17.88 -42.78 -40.41
C PHE B 7 17.09 -43.67 -41.40
N SER B 8 17.55 -44.91 -41.60
CA SER B 8 16.85 -45.82 -42.52
C SER B 8 15.39 -45.94 -42.09
N THR B 9 15.20 -46.53 -40.92
CA THR B 9 13.88 -46.72 -40.33
C THR B 9 13.79 -46.17 -38.90
N ALA B 10 12.58 -45.74 -38.52
CA ALA B 10 12.36 -45.22 -37.17
C ALA B 10 13.00 -46.13 -36.14
N LYS B 11 13.21 -47.39 -36.49
CA LYS B 11 13.84 -48.33 -35.58
C LYS B 11 15.33 -48.05 -35.53
N THR B 12 16.04 -48.12 -36.68
CA THR B 12 17.50 -47.82 -36.72
C THR B 12 17.81 -46.50 -36.01
N TYR B 13 17.08 -45.44 -36.38
CA TYR B 13 17.20 -44.11 -35.78
C TYR B 13 17.20 -44.15 -34.26
N VAL B 14 16.12 -44.71 -33.72
CA VAL B 14 15.94 -44.84 -32.29
C VAL B 14 16.95 -45.76 -31.63
N ASP B 15 17.53 -46.70 -32.36
CA ASP B 15 18.54 -47.60 -31.76
C ASP B 15 19.91 -46.90 -31.69
N SER B 16 20.14 -46.03 -32.68
CA SER B 16 21.36 -45.27 -32.77
C SER B 16 21.39 -44.30 -31.58
N LEU B 17 20.31 -43.53 -31.42
CA LEU B 17 20.20 -42.60 -30.32
C LEU B 17 20.51 -43.36 -29.04
N ASN B 18 19.79 -44.45 -28.83
CA ASN B 18 19.98 -45.25 -27.64
C ASN B 18 21.44 -45.70 -27.44
N VAL B 19 22.06 -46.17 -28.51
CA VAL B 19 23.44 -46.61 -28.39
C VAL B 19 24.37 -45.47 -27.86
N ILE B 20 24.22 -44.26 -28.41
CA ILE B 20 24.99 -43.07 -28.02
C ILE B 20 24.70 -42.74 -26.54
N ARG B 21 23.42 -42.57 -26.20
CA ARG B 21 23.05 -42.26 -24.82
C ARG B 21 23.71 -43.20 -23.82
N SER B 22 23.66 -44.48 -24.12
CA SER B 22 24.24 -45.46 -23.23
C SER B 22 25.73 -45.28 -23.10
N ALA B 23 26.36 -44.71 -24.13
CA ALA B 23 27.81 -44.54 -24.11
C ALA B 23 28.25 -43.39 -23.23
N ILE B 24 27.58 -42.27 -23.38
CA ILE B 24 27.91 -41.08 -22.64
C ILE B 24 27.04 -40.87 -21.42
N GLY B 25 26.30 -41.90 -21.05
CA GLY B 25 25.43 -41.74 -19.90
C GLY B 25 25.40 -42.84 -18.86
N THR B 26 25.01 -42.46 -17.66
CA THR B 26 24.87 -43.45 -16.59
C THR B 26 23.45 -43.20 -16.11
N PRO B 27 22.80 -44.25 -15.55
CA PRO B 27 21.42 -44.10 -15.08
C PRO B 27 21.19 -43.60 -13.67
N LEU B 28 20.01 -43.03 -13.48
CA LEU B 28 19.56 -42.56 -12.20
C LEU B 28 18.62 -43.65 -11.71
N GLN B 29 19.18 -44.51 -10.85
CA GLN B 29 18.47 -45.64 -10.27
C GLN B 29 17.09 -45.23 -9.70
N THR B 30 16.94 -43.94 -9.36
CA THR B 30 15.69 -43.47 -8.80
C THR B 30 14.57 -43.17 -9.74
N ILE B 31 14.86 -42.50 -10.84
CA ILE B 31 13.79 -42.29 -11.80
C ILE B 31 13.99 -43.43 -12.79
N SER B 32 13.28 -44.53 -12.54
CA SER B 32 13.35 -45.71 -13.40
C SER B 32 11.94 -46.25 -13.60
N SER B 33 11.79 -47.11 -14.58
CA SER B 33 10.49 -47.71 -14.84
C SER B 33 10.66 -48.64 -16.02
N GLY B 34 9.98 -49.78 -15.97
CA GLY B 34 10.03 -50.75 -17.04
C GLY B 34 11.33 -50.85 -17.81
N GLY B 35 12.45 -51.00 -17.09
CA GLY B 35 13.75 -51.12 -17.75
C GLY B 35 14.35 -49.87 -18.40
N THR B 36 13.57 -48.80 -18.52
CA THR B 36 14.06 -47.54 -19.10
C THR B 36 14.35 -46.55 -17.95
N SER B 37 15.63 -46.27 -17.72
CA SER B 37 16.05 -45.32 -16.68
C SER B 37 16.50 -43.97 -17.28
N LEU B 38 16.19 -42.86 -16.61
CA LEU B 38 16.62 -41.53 -17.09
C LEU B 38 18.15 -41.61 -16.99
N LEU B 39 18.87 -41.00 -17.92
CA LEU B 39 20.32 -41.07 -17.89
C LEU B 39 20.87 -39.71 -17.61
N MET B 40 22.04 -39.68 -16.98
CA MET B 40 22.69 -38.43 -16.65
C MET B 40 24.01 -38.47 -17.38
N ILE B 41 24.44 -37.35 -17.96
CA ILE B 41 25.69 -37.39 -18.70
C ILE B 41 26.84 -37.55 -17.73
N ASP B 42 27.47 -38.72 -17.83
CA ASP B 42 28.63 -39.07 -17.03
C ASP B 42 29.66 -38.01 -17.34
N SER B 43 29.68 -36.97 -16.52
CA SER B 43 30.58 -35.86 -16.74
C SER B 43 31.82 -35.90 -15.86
N GLY B 44 32.14 -37.07 -15.32
CA GLY B 44 33.31 -37.16 -14.47
C GLY B 44 34.68 -37.05 -15.16
N THR B 45 34.92 -37.94 -16.13
CA THR B 45 36.18 -38.04 -16.90
C THR B 45 36.44 -36.88 -17.93
N GLY B 46 36.92 -35.73 -17.45
CA GLY B 46 37.20 -34.61 -18.33
C GLY B 46 36.06 -34.25 -19.29
N ASP B 47 36.36 -34.16 -20.58
CA ASP B 47 35.36 -33.82 -21.59
C ASP B 47 36.01 -33.96 -22.99
N ASN B 48 35.28 -34.51 -23.96
CA ASN B 48 35.84 -34.66 -25.30
C ASN B 48 34.85 -34.55 -26.46
N LEU B 49 35.40 -34.54 -27.68
CA LEU B 49 34.57 -34.44 -28.87
C LEU B 49 34.42 -35.83 -29.44
N PHE B 50 33.30 -36.05 -30.09
CA PHE B 50 33.07 -37.34 -30.72
C PHE B 50 32.32 -37.07 -32.00
N ALA B 51 32.55 -37.91 -33.01
CA ALA B 51 31.92 -37.69 -34.30
C ALA B 51 30.67 -38.50 -34.50
N VAL B 52 29.66 -37.93 -35.14
CA VAL B 52 28.45 -38.68 -35.41
C VAL B 52 28.22 -38.69 -36.90
N ASP B 53 28.42 -39.85 -37.50
CA ASP B 53 28.26 -39.96 -38.92
C ASP B 53 26.79 -40.13 -39.28
N VAL B 54 26.26 -39.20 -40.06
CA VAL B 54 24.88 -39.24 -40.50
C VAL B 54 24.74 -40.26 -41.64
N ARG B 55 24.06 -41.38 -41.36
CA ARG B 55 23.84 -42.47 -42.33
C ARG B 55 22.34 -42.72 -42.56
N GLY B 56 22.01 -43.25 -43.74
CA GLY B 56 20.63 -43.59 -44.05
C GLY B 56 19.62 -42.57 -44.48
N ILE B 57 20.02 -41.37 -44.89
CA ILE B 57 19.07 -40.34 -45.31
C ILE B 57 18.46 -40.77 -46.63
N ASP B 58 19.09 -41.80 -47.17
CA ASP B 58 18.78 -42.41 -48.45
C ASP B 58 19.09 -43.88 -48.27
N PRO B 59 18.10 -44.64 -47.76
CA PRO B 59 18.24 -46.08 -47.52
C PRO B 59 18.34 -47.00 -48.74
N GLU B 60 18.09 -46.49 -49.96
CA GLU B 60 18.20 -47.37 -51.13
C GLU B 60 19.62 -47.35 -51.67
N GLU B 61 20.13 -46.17 -51.96
CA GLU B 61 21.49 -46.03 -52.49
C GLU B 61 22.31 -45.23 -51.48
N GLY B 62 23.45 -45.78 -51.06
CA GLY B 62 24.30 -45.08 -50.11
C GLY B 62 24.98 -43.88 -50.75
N ARG B 63 24.18 -42.97 -51.29
CA ARG B 63 24.68 -41.77 -51.98
C ARG B 63 24.96 -40.53 -51.11
N PHE B 64 24.34 -40.48 -49.93
CA PHE B 64 24.49 -39.33 -49.01
C PHE B 64 25.16 -39.76 -47.69
N ASN B 65 26.41 -40.17 -47.74
CA ASN B 65 27.05 -40.61 -46.52
C ASN B 65 28.29 -39.86 -46.16
N ASN B 66 28.33 -38.63 -46.56
CA ASN B 66 29.50 -37.85 -46.29
C ASN B 66 29.33 -36.79 -45.21
N LEU B 67 28.22 -36.85 -44.48
CA LEU B 67 28.01 -35.86 -43.43
C LEU B 67 28.54 -36.40 -42.10
N ARG B 68 29.17 -35.51 -41.34
CA ARG B 68 29.75 -35.85 -40.05
C ARG B 68 29.60 -34.65 -39.12
N LEU B 69 29.00 -34.87 -37.95
CA LEU B 69 28.83 -33.78 -37.01
C LEU B 69 29.79 -34.01 -35.86
N ILE B 70 30.47 -32.93 -35.42
CA ILE B 70 31.43 -33.01 -34.31
C ILE B 70 30.64 -32.55 -33.11
N VAL B 71 30.56 -33.38 -32.10
CA VAL B 71 29.75 -33.06 -30.92
C VAL B 71 30.52 -33.09 -29.61
N GLU B 72 30.23 -32.15 -28.71
CA GLU B 72 30.90 -32.10 -27.43
C GLU B 72 30.09 -32.88 -26.42
N ARG B 73 30.77 -33.74 -25.67
CA ARG B 73 30.10 -34.60 -24.71
C ARG B 73 29.36 -34.00 -23.53
N ASN B 74 30.03 -33.16 -22.74
CA ASN B 74 29.44 -32.57 -21.53
C ASN B 74 28.16 -31.79 -21.69
N ASN B 75 28.02 -31.04 -22.75
CA ASN B 75 26.79 -30.28 -22.91
C ASN B 75 26.12 -30.61 -24.21
N LEU B 76 26.73 -31.53 -24.97
CA LEU B 76 26.20 -31.95 -26.26
C LEU B 76 26.05 -30.74 -27.16
N TYR B 77 27.12 -29.96 -27.22
CA TYR B 77 27.17 -28.78 -28.07
C TYR B 77 27.41 -29.31 -29.49
N VAL B 78 26.77 -28.72 -30.49
CA VAL B 78 27.08 -29.18 -31.85
C VAL B 78 28.06 -28.14 -32.37
N THR B 79 29.35 -28.49 -32.42
CA THR B 79 30.39 -27.52 -32.84
C THR B 79 30.49 -27.20 -34.34
N GLY B 80 30.14 -28.16 -35.18
CA GLY B 80 30.17 -27.95 -36.61
C GLY B 80 30.07 -29.26 -37.33
N PHE B 81 30.30 -29.21 -38.64
CA PHE B 81 30.23 -30.39 -39.48
C PHE B 81 31.48 -30.63 -40.31
N VAL B 82 31.84 -31.90 -40.47
CA VAL B 82 32.99 -32.29 -41.26
C VAL B 82 32.40 -32.75 -42.58
N ASN B 83 32.95 -32.24 -43.68
CA ASN B 83 32.53 -32.60 -45.03
C ASN B 83 33.50 -33.68 -45.45
N ARG B 84 33.19 -34.92 -45.08
CA ARG B 84 33.99 -36.12 -45.34
C ARG B 84 34.57 -36.30 -46.74
N THR B 85 34.09 -35.49 -47.69
CA THR B 85 34.59 -35.56 -49.04
C THR B 85 36.04 -35.07 -49.07
N ASN B 86 36.29 -33.86 -48.56
CA ASN B 86 37.66 -33.30 -48.51
C ASN B 86 38.22 -33.14 -47.07
N ASN B 87 37.47 -33.65 -46.08
CA ASN B 87 37.84 -33.59 -44.65
C ASN B 87 38.02 -32.19 -44.10
N VAL B 88 37.22 -31.25 -44.57
CA VAL B 88 37.30 -29.88 -44.07
C VAL B 88 36.23 -29.73 -43.00
N PHE B 89 36.66 -29.34 -41.81
CA PHE B 89 35.79 -29.15 -40.65
C PHE B 89 35.26 -27.70 -40.58
N TYR B 90 33.96 -27.47 -40.79
CA TYR B 90 33.46 -26.09 -40.70
C TYR B 90 32.94 -25.92 -39.27
N ARG B 91 33.67 -25.19 -38.45
CA ARG B 91 33.30 -24.96 -37.03
C ARG B 91 32.58 -23.62 -36.83
N PHE B 92 31.68 -23.55 -35.85
CA PHE B 92 30.95 -22.30 -35.60
C PHE B 92 31.96 -21.31 -35.00
N ALA B 93 31.67 -20.01 -35.14
CA ALA B 93 32.53 -18.93 -34.65
C ALA B 93 32.86 -19.02 -33.17
N ASP B 94 31.88 -19.43 -32.36
CA ASP B 94 32.09 -19.55 -30.91
C ASP B 94 32.92 -20.76 -30.46
N PHE B 95 33.44 -21.51 -31.45
CA PHE B 95 34.31 -22.67 -31.21
C PHE B 95 35.40 -22.61 -32.24
N SER B 96 36.02 -21.45 -32.39
CA SER B 96 37.07 -21.28 -33.37
C SER B 96 38.37 -21.93 -32.95
N HIS B 97 38.45 -22.46 -31.75
CA HIS B 97 39.67 -23.12 -31.28
C HIS B 97 39.55 -24.64 -31.31
N VAL B 98 38.32 -25.12 -31.53
CA VAL B 98 38.08 -26.54 -31.58
C VAL B 98 38.77 -27.13 -32.82
N THR B 99 39.30 -28.35 -32.63
CA THR B 99 40.04 -29.10 -33.64
C THR B 99 39.56 -30.56 -33.71
N PHE B 100 39.45 -31.14 -34.90
CA PHE B 100 39.09 -32.55 -34.96
C PHE B 100 40.12 -33.27 -35.81
N PRO B 101 40.76 -34.31 -35.25
CA PRO B 101 41.81 -35.14 -35.86
C PRO B 101 41.47 -35.67 -37.24
N GLY B 102 42.35 -35.40 -38.20
CA GLY B 102 42.15 -35.87 -39.57
C GLY B 102 41.51 -34.84 -40.46
N THR B 103 41.28 -33.66 -39.91
CA THR B 103 40.65 -32.62 -40.70
C THR B 103 41.50 -31.36 -40.69
N THR B 104 41.09 -30.44 -41.56
CA THR B 104 41.67 -29.10 -41.69
C THR B 104 40.43 -28.24 -41.30
N ALA B 105 40.63 -27.09 -40.69
CA ALA B 105 39.47 -26.31 -40.29
C ALA B 105 39.27 -24.98 -40.99
N VAL B 106 38.02 -24.52 -40.93
CA VAL B 106 37.63 -23.24 -41.48
C VAL B 106 36.60 -22.79 -40.47
N THR B 107 36.80 -21.63 -39.86
CA THR B 107 35.84 -21.11 -38.91
C THR B 107 34.70 -20.40 -39.69
N LEU B 108 33.44 -20.59 -39.26
CA LEU B 108 32.31 -19.94 -39.93
C LEU B 108 32.10 -18.54 -39.31
N SER B 109 31.63 -17.61 -40.14
CA SER B 109 31.37 -16.23 -39.74
C SER B 109 30.20 -16.13 -38.76
N GLY B 110 30.03 -17.07 -37.83
CA GLY B 110 28.89 -16.95 -36.96
C GLY B 110 28.84 -18.07 -35.98
N ASP B 111 28.26 -17.77 -34.83
CA ASP B 111 28.17 -18.70 -33.71
C ASP B 111 27.00 -19.69 -33.74
N SER B 112 27.05 -20.67 -32.85
CA SER B 112 26.05 -21.73 -32.76
C SER B 112 24.72 -21.48 -32.06
N SER B 113 24.62 -20.46 -31.21
CA SER B 113 23.36 -20.18 -30.49
C SER B 113 22.15 -20.09 -31.40
N TYR B 114 20.99 -20.61 -30.95
CA TYR B 114 19.74 -20.58 -31.77
C TYR B 114 19.36 -19.14 -32.12
N THR B 115 19.76 -18.21 -31.26
CA THR B 115 19.47 -16.84 -31.52
C THR B 115 20.08 -16.43 -32.85
N THR B 116 21.33 -16.85 -33.09
CA THR B 116 22.03 -16.56 -34.35
C THR B 116 21.54 -17.46 -35.52
N LEU B 117 21.51 -18.78 -35.35
CA LEU B 117 21.05 -19.66 -36.43
C LEU B 117 19.62 -19.27 -36.88
N GLN B 118 18.73 -18.96 -35.93
CA GLN B 118 17.36 -18.61 -36.30
C GLN B 118 17.25 -17.30 -37.02
N ARG B 119 18.20 -16.40 -36.79
CA ARG B 119 18.15 -15.13 -37.48
C ARG B 119 18.66 -15.26 -38.93
N VAL B 120 19.80 -15.95 -39.09
CA VAL B 120 20.41 -16.18 -40.40
C VAL B 120 19.62 -17.18 -41.27
N ALA B 121 18.82 -18.07 -40.67
CA ALA B 121 18.03 -19.04 -41.47
C ALA B 121 16.70 -18.40 -41.86
N GLY B 122 16.37 -17.31 -41.15
CA GLY B 122 15.15 -16.57 -41.37
C GLY B 122 13.87 -17.26 -40.93
N ILE B 123 14.01 -18.35 -40.18
CA ILE B 123 12.84 -19.09 -39.68
C ILE B 123 12.86 -19.21 -38.16
N SER B 124 11.69 -19.41 -37.55
CA SER B 124 11.65 -19.57 -36.11
C SER B 124 11.59 -21.08 -35.87
N ARG B 125 12.11 -21.56 -34.74
CA ARG B 125 12.10 -23.00 -34.44
C ARG B 125 10.71 -23.57 -34.16
N THR B 126 9.77 -22.73 -33.77
CA THR B 126 8.40 -23.21 -33.48
C THR B 126 7.60 -23.23 -34.78
N GLY B 127 7.21 -24.44 -35.18
CA GLY B 127 6.45 -24.60 -36.40
C GLY B 127 7.31 -25.27 -37.45
N MET B 128 8.61 -24.99 -37.40
CA MET B 128 9.60 -25.58 -38.31
C MET B 128 9.27 -27.07 -38.48
N GLN B 129 9.27 -27.56 -39.73
CA GLN B 129 9.02 -28.98 -39.97
C GLN B 129 10.22 -29.66 -40.57
N ILE B 130 10.45 -30.88 -40.12
CA ILE B 130 11.53 -31.71 -40.58
C ILE B 130 10.85 -32.94 -41.15
N ASN B 131 11.48 -33.59 -42.11
CA ASN B 131 10.93 -34.80 -42.71
C ASN B 131 11.92 -35.28 -43.74
N ARG B 132 11.97 -36.60 -43.90
CA ARG B 132 12.83 -37.31 -44.86
C ARG B 132 13.35 -36.45 -46.04
N HIS B 133 12.46 -35.68 -46.65
CA HIS B 133 12.83 -34.86 -47.78
C HIS B 133 13.79 -33.75 -47.39
N SER B 134 13.33 -32.82 -46.54
CA SER B 134 14.14 -31.69 -46.05
C SER B 134 15.42 -32.10 -45.27
N LEU B 135 15.47 -33.32 -44.74
CA LEU B 135 16.68 -33.77 -44.08
C LEU B 135 17.66 -34.07 -45.21
N THR B 136 17.16 -34.14 -46.45
CA THR B 136 18.00 -34.42 -47.63
C THR B 136 18.46 -33.13 -48.35
N THR B 137 17.64 -32.09 -48.32
CA THR B 137 18.05 -30.82 -48.88
C THR B 137 19.09 -30.24 -47.94
N SER B 138 18.88 -30.46 -46.65
CA SER B 138 19.81 -29.97 -45.64
C SER B 138 21.20 -30.60 -45.84
N TYR B 139 21.22 -31.90 -46.10
CA TYR B 139 22.49 -32.58 -46.35
C TYR B 139 23.11 -31.99 -47.59
N LEU B 140 22.36 -31.93 -48.68
CA LEU B 140 22.92 -31.36 -49.89
C LEU B 140 23.49 -29.97 -49.65
N ASP B 141 22.73 -29.06 -49.03
CA ASP B 141 23.25 -27.72 -48.78
C ASP B 141 24.56 -27.67 -48.00
N LEU B 142 24.74 -28.52 -47.00
CA LEU B 142 26.01 -28.51 -46.26
C LEU B 142 27.15 -29.04 -47.14
N MET B 143 26.85 -30.08 -47.92
CA MET B 143 27.85 -30.70 -48.79
C MET B 143 28.31 -29.82 -49.92
N SER B 144 27.48 -28.87 -50.32
CA SER B 144 27.83 -27.97 -51.41
C SER B 144 28.27 -26.60 -50.91
N HIS B 145 28.49 -26.50 -49.60
CA HIS B 145 28.97 -25.25 -49.04
C HIS B 145 30.47 -25.33 -48.90
N SER B 146 31.12 -24.27 -49.33
CA SER B 146 32.55 -24.20 -49.19
C SER B 146 32.77 -22.78 -48.69
N GLY B 147 33.84 -22.56 -47.95
CA GLY B 147 34.05 -21.21 -47.48
C GLY B 147 33.71 -20.82 -46.07
N THR B 148 33.87 -19.54 -45.86
CA THR B 148 33.73 -18.90 -44.59
C THR B 148 32.38 -18.39 -44.07
N SER B 149 31.54 -17.86 -44.95
CA SER B 149 30.27 -17.32 -44.52
C SER B 149 29.20 -18.34 -44.11
N LEU B 150 28.44 -17.96 -43.08
CA LEU B 150 27.36 -18.78 -42.57
C LEU B 150 26.15 -18.37 -43.39
N THR B 151 25.99 -19.03 -44.54
CA THR B 151 24.88 -18.77 -45.45
C THR B 151 23.52 -19.07 -44.80
N GLN B 152 22.47 -18.65 -45.48
CA GLN B 152 21.12 -18.86 -44.99
C GLN B 152 20.76 -20.32 -44.98
N SER B 153 21.37 -21.02 -45.92
CA SER B 153 21.17 -22.43 -46.14
C SER B 153 21.87 -23.32 -45.12
N VAL B 154 23.08 -22.95 -44.73
CA VAL B 154 23.77 -23.75 -43.71
C VAL B 154 23.00 -23.54 -42.40
N ALA B 155 22.48 -22.33 -42.23
CA ALA B 155 21.68 -21.95 -41.07
C ALA B 155 20.50 -22.92 -40.90
N ARG B 156 19.68 -23.05 -41.94
CA ARG B 156 18.55 -23.95 -41.88
C ARG B 156 18.92 -25.41 -41.69
N ALA B 157 19.84 -25.91 -42.51
CA ALA B 157 20.26 -27.32 -42.42
C ALA B 157 20.61 -27.74 -40.98
N MET B 158 21.41 -26.91 -40.30
CA MET B 158 21.86 -27.12 -38.92
C MET B 158 20.74 -26.99 -37.84
N LEU B 159 19.75 -26.14 -38.10
CA LEU B 159 18.65 -26.04 -37.18
C LEU B 159 17.95 -27.40 -37.28
N ARG B 160 17.92 -27.98 -38.47
CA ARG B 160 17.26 -29.25 -38.59
C ARG B 160 18.11 -30.36 -38.02
N PHE B 161 19.37 -30.45 -38.44
CA PHE B 161 20.27 -31.49 -37.95
C PHE B 161 20.59 -31.40 -36.47
N VAL B 162 20.64 -30.20 -35.93
CA VAL B 162 20.92 -30.08 -34.50
C VAL B 162 19.68 -30.60 -33.73
N THR B 163 18.46 -30.34 -34.26
CA THR B 163 17.24 -30.80 -33.63
C THR B 163 17.11 -32.32 -33.58
N VAL B 164 17.38 -33.00 -34.69
CA VAL B 164 17.19 -34.45 -34.70
C VAL B 164 18.36 -35.25 -34.14
N THR B 165 19.47 -34.57 -33.84
CA THR B 165 20.58 -35.31 -33.21
C THR B 165 20.75 -34.95 -31.71
N ALA B 166 21.10 -33.69 -31.42
CA ALA B 166 21.31 -33.27 -30.02
C ALA B 166 20.02 -33.17 -29.23
N GLU B 167 19.03 -32.42 -29.76
CA GLU B 167 17.77 -32.27 -29.03
C GLU B 167 17.08 -33.60 -28.81
N ALA B 168 17.07 -34.45 -29.84
CA ALA B 168 16.44 -35.75 -29.75
C ALA B 168 17.17 -36.60 -28.74
N LEU B 169 18.49 -36.44 -28.66
CA LEU B 169 19.29 -37.22 -27.71
C LEU B 169 18.90 -36.83 -26.29
N ARG B 170 18.54 -35.56 -26.08
CA ARG B 170 18.15 -35.08 -24.76
C ARG B 170 16.71 -35.44 -24.40
N PHE B 171 15.81 -35.09 -25.30
CA PHE B 171 14.39 -35.31 -25.10
C PHE B 171 13.71 -36.46 -25.89
N ARG B 172 13.32 -37.50 -25.16
CA ARG B 172 12.65 -38.65 -25.76
C ARG B 172 11.38 -38.12 -26.42
N GLN B 173 10.86 -37.02 -25.92
CA GLN B 173 9.66 -36.47 -26.52
C GLN B 173 9.89 -35.97 -27.95
N ILE B 174 11.11 -35.53 -28.25
CA ILE B 174 11.40 -35.04 -29.61
C ILE B 174 11.82 -36.22 -30.46
N GLN B 175 12.39 -37.21 -29.80
CA GLN B 175 12.79 -38.42 -30.49
C GLN B 175 11.51 -39.05 -30.98
N ARG B 176 10.55 -39.22 -30.08
CA ARG B 176 9.28 -39.86 -30.44
C ARG B 176 8.42 -39.09 -31.45
N GLY B 177 8.55 -37.78 -31.52
CA GLY B 177 7.75 -37.00 -32.46
C GLY B 177 8.27 -37.10 -33.88
N PHE B 178 9.59 -37.02 -34.01
CA PHE B 178 10.27 -37.09 -35.29
C PHE B 178 10.33 -38.52 -35.86
N ARG B 179 10.57 -39.49 -34.99
CA ARG B 179 10.68 -40.90 -35.37
C ARG B 179 9.54 -41.39 -36.27
N THR B 180 8.39 -40.75 -36.14
CA THR B 180 7.21 -41.10 -36.91
C THR B 180 7.15 -40.60 -38.36
N THR B 181 8.29 -40.35 -38.98
CA THR B 181 8.21 -39.95 -40.38
C THR B 181 9.42 -40.54 -41.11
N LEU B 182 10.11 -41.43 -40.41
CA LEU B 182 11.26 -42.14 -40.95
C LEU B 182 10.72 -43.47 -41.46
N ASP B 183 9.40 -43.60 -41.32
CA ASP B 183 8.65 -44.76 -41.76
C ASP B 183 7.39 -44.35 -42.54
N ASP B 184 6.88 -43.14 -42.33
CA ASP B 184 5.69 -42.66 -43.05
C ASP B 184 6.05 -42.27 -44.49
N LEU B 185 5.64 -43.09 -45.46
CA LEU B 185 5.94 -42.87 -46.88
C LEU B 185 5.24 -41.73 -47.60
N SER B 186 4.70 -40.75 -46.87
CA SER B 186 3.99 -39.63 -47.51
C SER B 186 4.50 -38.20 -47.19
N GLY B 187 5.68 -38.12 -46.57
CA GLY B 187 6.25 -36.83 -46.20
C GLY B 187 5.33 -36.16 -45.19
N ARG B 188 5.06 -36.88 -44.11
CA ARG B 188 4.17 -36.39 -43.07
C ARG B 188 4.81 -35.23 -42.34
N SER B 189 6.13 -35.30 -42.17
CA SER B 189 6.94 -34.26 -41.50
C SER B 189 6.56 -33.87 -40.06
N TYR B 190 7.48 -34.14 -39.13
CA TYR B 190 7.32 -33.78 -37.72
C TYR B 190 7.35 -32.26 -37.60
N VAL B 191 6.35 -31.68 -36.93
CA VAL B 191 6.27 -30.23 -36.74
C VAL B 191 6.73 -29.99 -35.29
N MET B 192 7.73 -29.12 -35.08
CA MET B 192 8.23 -28.85 -33.73
C MET B 192 7.30 -27.86 -33.03
N THR B 193 6.70 -28.34 -31.95
CA THR B 193 5.75 -27.55 -31.18
C THR B 193 6.36 -26.67 -30.09
N ALA B 194 5.60 -25.66 -29.66
CA ALA B 194 6.05 -24.74 -28.61
C ALA B 194 6.57 -25.50 -27.39
N GLU B 195 5.79 -26.48 -26.92
CA GLU B 195 6.16 -27.28 -25.74
C GLU B 195 7.47 -28.01 -26.00
N ASP B 196 7.83 -28.15 -27.27
CA ASP B 196 9.09 -28.80 -27.58
C ASP B 196 10.19 -27.76 -27.53
N VAL B 197 9.96 -26.56 -28.08
CA VAL B 197 11.00 -25.55 -28.01
C VAL B 197 11.25 -25.34 -26.53
N ASP B 198 10.13 -25.20 -25.82
CA ASP B 198 10.13 -24.98 -24.38
C ASP B 198 10.93 -26.05 -23.65
N LEU B 199 10.77 -27.31 -24.04
CA LEU B 199 11.58 -28.38 -23.42
C LEU B 199 13.06 -28.11 -23.63
N THR B 200 13.45 -27.62 -24.81
CA THR B 200 14.87 -27.40 -25.07
C THR B 200 15.43 -26.18 -24.37
N LEU B 201 14.56 -25.26 -23.97
CA LEU B 201 15.06 -24.07 -23.31
C LEU B 201 15.27 -24.24 -21.81
N ASN B 202 14.66 -25.27 -21.22
CA ASN B 202 14.82 -25.55 -19.80
C ASN B 202 15.66 -26.78 -19.52
N TRP B 203 16.55 -27.14 -20.45
CA TRP B 203 17.32 -28.33 -20.20
C TRP B 203 18.13 -28.14 -18.91
N GLY B 204 18.52 -26.90 -18.67
CA GLY B 204 19.31 -26.57 -17.51
C GLY B 204 18.54 -26.77 -16.22
N ARG B 205 17.40 -26.08 -16.10
CA ARG B 205 16.56 -26.16 -14.91
C ARG B 205 16.10 -27.57 -14.66
N LEU B 206 15.75 -28.32 -15.69
CA LEU B 206 15.30 -29.71 -15.51
C LEU B 206 16.47 -30.56 -15.01
N SER B 207 17.67 -30.28 -15.52
CA SER B 207 18.83 -31.02 -15.10
C SER B 207 19.11 -30.78 -13.64
N SER B 208 18.76 -29.58 -13.18
CA SER B 208 18.98 -29.18 -11.79
C SER B 208 17.97 -29.74 -10.81
N VAL B 209 16.73 -29.88 -11.27
CA VAL B 209 15.64 -30.34 -10.44
C VAL B 209 15.33 -31.87 -10.39
N LEU B 210 15.45 -32.60 -11.50
CA LEU B 210 15.11 -34.03 -11.52
C LEU B 210 15.91 -34.86 -10.55
N PRO B 211 17.20 -34.51 -10.33
CA PRO B 211 17.98 -35.30 -9.36
C PRO B 211 17.24 -35.41 -7.99
N ASP B 212 16.34 -34.47 -7.71
CA ASP B 212 15.56 -34.43 -6.47
C ASP B 212 14.20 -35.21 -6.46
N TYR B 213 13.99 -36.10 -7.41
CA TYR B 213 12.72 -36.82 -7.40
C TYR B 213 12.73 -38.13 -6.54
N HIS B 214 11.71 -38.37 -5.72
CA HIS B 214 11.67 -39.60 -4.94
C HIS B 214 10.25 -40.05 -4.75
N GLY B 215 9.40 -39.74 -5.72
CA GLY B 215 8.03 -40.17 -5.62
C GLY B 215 7.02 -39.07 -5.48
N GLN B 216 7.39 -37.83 -5.68
CA GLN B 216 6.39 -36.81 -5.53
C GLN B 216 5.23 -37.09 -6.47
N ASP B 217 4.07 -36.55 -6.14
CA ASP B 217 2.90 -36.71 -6.96
C ASP B 217 3.13 -36.02 -8.29
N SER B 218 3.91 -34.94 -8.32
CA SER B 218 4.21 -34.24 -9.57
C SER B 218 5.47 -33.37 -9.55
N VAL B 219 5.92 -33.00 -10.74
CA VAL B 219 7.10 -32.18 -10.93
C VAL B 219 6.66 -31.01 -11.80
N ARG B 220 7.09 -29.77 -11.47
CA ARG B 220 6.72 -28.57 -12.22
C ARG B 220 7.88 -27.60 -12.37
N VAL B 221 8.28 -27.26 -13.60
CA VAL B 221 9.34 -26.29 -13.83
C VAL B 221 8.70 -25.25 -14.77
N GLY B 222 8.21 -24.15 -14.22
CA GLY B 222 7.58 -23.17 -15.10
C GLY B 222 6.27 -23.74 -15.64
N ARG B 223 6.11 -23.80 -16.97
CA ARG B 223 4.89 -24.36 -17.60
C ARG B 223 4.96 -25.88 -17.75
N ILE B 224 6.15 -26.46 -17.67
CA ILE B 224 6.34 -27.90 -17.81
C ILE B 224 5.91 -28.71 -16.56
N SER B 225 5.15 -29.77 -16.73
CA SER B 225 4.76 -30.59 -15.58
C SER B 225 4.57 -32.08 -15.87
N PHE B 226 5.11 -32.91 -15.01
CA PHE B 226 5.03 -34.35 -15.16
C PHE B 226 4.18 -34.85 -14.01
N GLY B 227 3.34 -35.87 -14.23
CA GLY B 227 2.49 -36.34 -13.16
C GLY B 227 2.67 -37.79 -12.76
N SER B 228 3.78 -38.39 -13.16
CA SER B 228 4.08 -39.79 -12.85
C SER B 228 5.48 -40.03 -13.38
N ILE B 229 6.22 -40.92 -12.75
CA ILE B 229 7.56 -41.24 -13.19
C ILE B 229 7.55 -41.65 -14.67
N ASN B 230 6.40 -42.02 -15.19
CA ASN B 230 6.38 -42.38 -16.59
C ASN B 230 6.20 -41.17 -17.50
N ALA B 231 5.58 -40.09 -17.04
CA ALA B 231 5.44 -38.91 -17.89
C ALA B 231 6.77 -38.20 -18.04
N ILE B 232 7.68 -38.48 -17.10
CA ILE B 232 9.01 -37.89 -17.10
C ILE B 232 9.87 -38.56 -18.15
N LEU B 233 10.05 -39.89 -18.05
CA LEU B 233 10.86 -40.62 -19.04
C LEU B 233 10.22 -40.51 -20.44
N GLY B 234 8.94 -40.19 -20.50
CA GLY B 234 8.29 -40.03 -21.78
C GLY B 234 8.80 -38.78 -22.46
N SER B 235 9.47 -37.91 -21.72
CA SER B 235 9.96 -36.67 -22.32
C SER B 235 11.43 -36.36 -22.22
N VAL B 236 12.05 -36.82 -21.16
CA VAL B 236 13.44 -36.51 -20.91
C VAL B 236 14.17 -37.81 -20.84
N ALA B 237 15.27 -37.93 -21.60
CA ALA B 237 16.05 -39.15 -21.60
C ALA B 237 17.42 -38.88 -21.02
N LEU B 238 17.96 -37.69 -21.31
CA LEU B 238 19.31 -37.37 -20.86
C LEU B 238 19.48 -35.98 -20.21
N ILE B 239 19.96 -35.95 -18.96
CA ILE B 239 20.15 -34.68 -18.24
C ILE B 239 21.62 -34.36 -17.96
N LEU B 240 21.93 -33.07 -17.87
CA LEU B 240 23.28 -32.58 -17.55
C LEU B 240 23.73 -33.05 -16.19
N ASN B 241 24.98 -32.79 -15.86
CA ASN B 241 25.46 -33.17 -14.55
C ASN B 241 25.78 -31.86 -13.83
N CYS B 242 24.97 -31.52 -12.85
CA CYS B 242 25.23 -30.28 -12.15
C CYS B 242 25.54 -30.59 -10.68
N HIS B 243 26.22 -31.74 -10.47
CA HIS B 243 26.65 -32.23 -9.16
C HIS B 243 25.45 -32.71 -8.32
N PHE B 257 34.07 -24.43 -23.63
CA PHE B 257 32.73 -24.97 -23.41
C PHE B 257 31.95 -24.56 -22.18
N PRO B 258 31.18 -23.47 -22.30
CA PRO B 258 30.32 -22.86 -21.29
C PRO B 258 29.28 -23.86 -20.77
N SER B 259 29.22 -24.06 -19.46
CA SER B 259 28.27 -24.99 -18.88
C SER B 259 26.85 -24.50 -19.09
N MET B 260 25.94 -25.45 -19.33
CA MET B 260 24.54 -25.14 -19.53
C MET B 260 23.78 -25.18 -18.19
N CYS B 261 24.39 -25.78 -17.15
CA CYS B 261 23.78 -25.83 -15.81
C CYS B 261 23.60 -24.40 -15.38
N PRO B 262 22.51 -24.09 -14.67
CA PRO B 262 22.30 -22.69 -14.25
C PRO B 262 23.32 -22.19 -13.22
N ALA B 263 23.49 -20.86 -13.15
CA ALA B 263 24.43 -20.22 -12.20
C ALA B 263 24.56 -21.08 -10.92
N ASP B 264 25.77 -21.44 -10.48
CA ASP B 264 25.88 -22.34 -9.31
C ASP B 264 25.00 -22.06 -8.06
N GLY B 265 24.17 -23.05 -7.75
CA GLY B 265 23.30 -22.95 -6.60
C GLY B 265 22.11 -22.05 -6.83
N ARG B 266 22.03 -21.38 -7.96
CA ARG B 266 20.87 -20.55 -8.14
C ARG B 266 19.62 -21.42 -8.14
N VAL B 267 19.45 -22.26 -9.17
CA VAL B 267 18.24 -23.12 -9.28
C VAL B 267 18.30 -24.46 -8.54
N ARG B 268 17.28 -24.69 -7.70
CA ARG B 268 17.10 -25.92 -6.92
C ARG B 268 15.67 -26.46 -6.79
N GLY B 269 15.56 -27.67 -6.29
CA GLY B 269 14.27 -28.30 -6.15
C GLY B 269 13.76 -28.24 -4.75
N ILE B 270 12.57 -27.67 -4.64
CA ILE B 270 11.89 -27.49 -3.38
C ILE B 270 10.61 -28.33 -3.38
N THR B 271 10.40 -29.12 -2.34
CA THR B 271 9.19 -29.95 -2.29
C THR B 271 8.21 -29.53 -1.21
N HIS B 272 6.92 -29.45 -1.57
CA HIS B 272 5.88 -29.15 -0.61
C HIS B 272 4.57 -29.74 -1.08
N ASN B 273 3.98 -30.51 -0.20
CA ASN B 273 2.74 -31.21 -0.42
C ASN B 273 2.93 -32.15 -1.58
N LYS B 274 3.98 -32.96 -1.50
CA LYS B 274 4.27 -33.93 -2.52
C LYS B 274 4.42 -33.39 -3.97
N ILE B 275 4.87 -32.14 -4.13
CA ILE B 275 5.08 -31.57 -5.46
C ILE B 275 6.50 -30.98 -5.51
N LEU B 276 7.24 -31.32 -6.56
CA LEU B 276 8.61 -30.87 -6.73
C LEU B 276 8.66 -29.64 -7.64
N TRP B 277 9.12 -28.49 -7.12
CA TRP B 277 9.21 -27.27 -7.94
C TRP B 277 10.64 -26.84 -8.16
N ASP B 278 10.85 -25.95 -9.10
CA ASP B 278 12.20 -25.41 -9.21
C ASP B 278 12.06 -24.12 -8.35
N SER B 279 13.15 -23.75 -7.68
CA SER B 279 13.19 -22.58 -6.80
C SER B 279 12.91 -21.26 -7.49
N SER B 280 13.24 -21.18 -8.76
CA SER B 280 13.00 -19.98 -9.52
C SER B 280 11.50 -19.74 -9.77
N THR B 281 10.80 -20.78 -10.21
CA THR B 281 9.40 -20.61 -10.46
C THR B 281 8.63 -20.18 -9.20
N LEU B 282 8.98 -20.75 -8.03
CA LEU B 282 8.34 -20.39 -6.74
C LEU B 282 8.65 -18.94 -6.36
N GLY B 283 9.94 -18.60 -6.33
CA GLY B 283 10.28 -17.24 -5.99
C GLY B 283 9.44 -16.30 -6.83
N ALA B 284 9.42 -16.55 -8.13
CA ALA B 284 8.68 -15.68 -9.01
C ALA B 284 7.20 -15.61 -8.71
N ILE B 285 6.55 -16.70 -8.33
CA ILE B 285 5.10 -16.64 -8.09
C ILE B 285 4.64 -16.36 -6.66
N LEU B 286 5.56 -16.20 -5.71
CA LEU B 286 5.19 -15.94 -4.33
C LEU B 286 5.20 -14.46 -3.88
N MET B 287 5.53 -13.54 -4.79
CA MET B 287 5.57 -12.13 -4.42
C MET B 287 4.19 -11.53 -4.39
N ARG B 288 3.69 -11.27 -3.20
CA ARG B 288 2.36 -10.73 -3.07
C ARG B 288 2.56 -9.47 -2.26
N ARG B 289 2.23 -8.31 -2.82
CA ARG B 289 2.40 -7.10 -2.01
C ARG B 289 0.99 -6.66 -1.59
N THR B 290 0.80 -6.49 -0.27
CA THR B 290 -0.48 -6.05 0.33
C THR B 290 -0.41 -5.47 1.78
N THR C 1 -0.54 18.15 -23.56
CA THR C 1 -2.01 17.79 -23.59
C THR C 1 -2.86 19.05 -23.36
N PRO C 2 -3.71 19.42 -24.32
CA PRO C 2 -4.58 20.61 -24.22
C PRO C 2 -5.57 20.73 -23.04
N ASP C 3 -5.87 21.97 -22.63
CA ASP C 3 -6.84 22.23 -21.56
C ASP C 3 -8.13 21.68 -22.16
N CYS C 4 -9.16 21.43 -21.35
CA CYS C 4 -10.40 20.91 -21.92
C CYS C 4 -11.65 21.50 -21.27
N VAL C 5 -11.60 21.63 -19.95
CA VAL C 5 -12.72 22.16 -19.22
C VAL C 5 -12.11 22.65 -17.92
N THR C 6 -12.71 23.69 -17.37
CA THR C 6 -12.26 24.30 -16.16
C THR C 6 -13.46 24.86 -15.40
N GLY C 7 -13.53 24.51 -14.11
CA GLY C 7 -14.61 24.95 -13.23
C GLY C 7 -14.62 24.11 -11.96
N LYS C 8 -15.65 24.29 -11.15
CA LYS C 8 -15.81 23.52 -9.93
C LYS C 8 -16.44 22.20 -10.36
N VAL C 9 -16.37 21.19 -9.48
CA VAL C 9 -16.92 19.87 -9.74
C VAL C 9 -18.39 19.80 -9.34
N GLU C 10 -19.27 19.69 -10.34
CA GLU C 10 -20.72 19.65 -10.12
C GLU C 10 -21.14 18.41 -9.34
N TYR C 11 -20.59 17.26 -9.70
CA TYR C 11 -20.86 16.01 -9.00
C TYR C 11 -19.87 14.95 -9.50
N THR C 12 -19.67 13.88 -8.74
CA THR C 12 -18.78 12.79 -9.14
C THR C 12 -19.62 11.52 -9.10
N LYS C 13 -19.18 10.47 -9.76
CA LYS C 13 -19.99 9.28 -9.79
C LYS C 13 -19.10 8.05 -9.91
N TYR C 14 -19.30 7.09 -9.02
CA TYR C 14 -18.54 5.83 -9.01
C TYR C 14 -19.32 4.85 -9.85
N ASN C 15 -18.69 4.34 -10.92
CA ASN C 15 -19.36 3.44 -11.85
C ASN C 15 -19.14 1.97 -11.65
N ASP C 16 -19.95 1.20 -12.36
CA ASP C 16 -19.92 -0.24 -12.28
C ASP C 16 -18.58 -0.91 -12.66
N ASP C 17 -17.81 -0.27 -13.52
CA ASP C 17 -16.55 -0.84 -13.96
C ASP C 17 -15.38 -0.23 -13.22
N ASP C 18 -15.70 0.24 -12.02
CA ASP C 18 -14.79 0.88 -11.10
C ASP C 18 -14.05 2.13 -11.55
N THR C 19 -14.53 2.80 -12.59
CA THR C 19 -13.93 4.02 -13.05
C THR C 19 -14.66 5.16 -12.34
N PHE C 20 -14.06 6.35 -12.25
CA PHE C 20 -14.70 7.48 -11.55
C PHE C 20 -15.05 8.57 -12.56
N THR C 21 -16.29 9.06 -12.56
CA THR C 21 -16.70 10.09 -13.51
C THR C 21 -16.76 11.45 -12.84
N VAL C 22 -16.36 12.50 -13.56
CA VAL C 22 -16.39 13.84 -13.02
C VAL C 22 -17.25 14.70 -13.92
N LYS C 23 -18.09 15.56 -13.34
CA LYS C 23 -18.92 16.45 -14.12
C LYS C 23 -18.40 17.83 -13.82
N VAL C 24 -17.67 18.42 -14.77
CA VAL C 24 -17.11 19.77 -14.64
C VAL C 24 -17.57 20.53 -15.88
N GLY C 25 -17.92 21.80 -15.72
CA GLY C 25 -18.39 22.53 -16.88
C GLY C 25 -19.56 21.85 -17.56
N ASP C 26 -19.45 21.64 -18.86
CA ASP C 26 -20.52 21.00 -19.61
C ASP C 26 -20.11 19.56 -19.91
N LYS C 27 -18.81 19.33 -20.07
CA LYS C 27 -18.30 18.01 -20.36
C LYS C 27 -18.43 17.16 -19.11
N GLU C 28 -18.59 15.86 -19.31
CA GLU C 28 -18.71 14.94 -18.20
C GLU C 28 -17.74 13.82 -18.59
N LEU C 29 -16.51 13.90 -18.06
CA LEU C 29 -15.43 12.96 -18.36
C LEU C 29 -15.24 11.88 -17.30
N PHE C 30 -14.25 11.00 -17.47
CA PHE C 30 -14.02 9.93 -16.51
C PHE C 30 -12.55 9.52 -16.44
N THR C 31 -12.17 8.69 -15.45
CA THR C 31 -10.77 8.25 -15.30
C THR C 31 -10.64 6.88 -14.65
N ASN C 32 -9.64 6.13 -15.13
CA ASN C 32 -9.32 4.77 -14.70
C ASN C 32 -8.18 4.82 -13.71
N ARG C 33 -7.77 6.02 -13.32
CA ARG C 33 -6.67 6.22 -12.36
C ARG C 33 -7.13 6.20 -10.89
N TRP C 34 -6.96 5.09 -10.20
CA TRP C 34 -7.41 4.95 -8.82
C TRP C 34 -7.14 6.07 -7.83
N ASN C 35 -5.96 6.67 -7.92
CA ASN C 35 -5.59 7.76 -7.00
C ASN C 35 -6.29 9.08 -7.23
N LEU C 36 -6.76 9.34 -8.44
CA LEU C 36 -7.45 10.61 -8.69
C LEU C 36 -8.80 10.63 -7.97
N GLN C 37 -9.35 9.46 -7.67
CA GLN C 37 -10.63 9.41 -7.00
C GLN C 37 -10.58 10.13 -5.66
N SER C 38 -9.74 9.71 -4.72
CA SER C 38 -9.75 10.42 -3.45
C SER C 38 -9.52 11.92 -3.70
N LEU C 39 -8.45 12.26 -4.41
CA LEU C 39 -8.14 13.67 -4.73
C LEU C 39 -9.31 14.44 -5.33
N LEU C 40 -10.05 13.86 -6.26
CA LEU C 40 -11.17 14.56 -6.87
C LEU C 40 -12.36 14.79 -5.93
N LEU C 41 -12.66 13.82 -5.07
CA LEU C 41 -13.78 13.99 -4.16
C LEU C 41 -13.48 15.15 -3.20
N SER C 42 -12.22 15.28 -2.79
CA SER C 42 -11.83 16.37 -1.90
C SER C 42 -11.95 17.68 -2.62
N ALA C 43 -11.58 17.69 -3.90
CA ALA C 43 -11.69 18.91 -4.68
C ALA C 43 -13.15 19.32 -4.73
N GLN C 44 -14.02 18.35 -4.99
CA GLN C 44 -15.45 18.61 -5.05
C GLN C 44 -16.02 19.15 -3.74
N ILE C 45 -15.59 18.59 -2.61
CA ILE C 45 -16.09 19.02 -1.31
C ILE C 45 -15.54 20.35 -0.84
N THR C 46 -14.33 20.70 -1.28
CA THR C 46 -13.74 21.97 -0.87
C THR C 46 -13.98 23.11 -1.87
N GLY C 47 -14.53 22.77 -3.03
CA GLY C 47 -14.84 23.78 -4.02
C GLY C 47 -13.68 24.35 -4.78
N MET C 48 -12.62 23.56 -4.95
CA MET C 48 -11.44 24.01 -5.70
C MET C 48 -11.84 24.15 -7.16
N THR C 49 -11.10 24.94 -7.91
CA THR C 49 -11.41 25.03 -9.30
C THR C 49 -10.46 24.06 -9.92
N VAL C 50 -10.95 23.22 -10.81
CA VAL C 50 -10.06 22.28 -11.45
C VAL C 50 -9.99 22.49 -12.97
N THR C 51 -8.95 21.96 -13.59
CA THR C 51 -8.80 22.07 -15.04
C THR C 51 -8.44 20.66 -15.49
N ILE C 52 -9.28 20.06 -16.35
CA ILE C 52 -8.99 18.72 -16.85
C ILE C 52 -8.34 18.86 -18.22
N LYS C 53 -7.28 18.10 -18.43
CA LYS C 53 -6.55 18.17 -19.67
C LYS C 53 -6.68 16.82 -20.33
N THR C 54 -7.18 16.84 -21.57
CA THR C 54 -7.38 15.59 -22.30
C THR C 54 -7.61 15.87 -23.76
N ASN C 55 -7.32 14.87 -24.59
CA ASN C 55 -7.56 15.00 -26.02
C ASN C 55 -9.02 14.66 -26.25
N ALA C 56 -9.47 13.67 -25.50
CA ALA C 56 -10.85 13.20 -25.58
C ALA C 56 -11.85 14.18 -24.91
N CYS C 57 -11.67 15.49 -25.13
CA CYS C 57 -12.51 16.52 -24.53
C CYS C 57 -14.00 16.56 -24.89
N HIS C 58 -14.62 15.38 -24.90
CA HIS C 58 -16.04 15.24 -25.23
C HIS C 58 -16.76 14.40 -24.15
N ASN C 59 -18.03 14.72 -23.85
CA ASN C 59 -18.75 13.94 -22.86
C ASN C 59 -18.41 12.48 -23.11
N GLY C 60 -18.21 11.73 -22.03
CA GLY C 60 -17.90 10.31 -22.13
C GLY C 60 -16.43 9.98 -22.35
N GLY C 61 -15.61 11.00 -22.48
CA GLY C 61 -14.19 10.80 -22.72
C GLY C 61 -13.32 10.69 -21.48
N GLY C 62 -12.25 9.90 -21.56
CA GLY C 62 -11.34 9.73 -20.44
C GLY C 62 -10.22 10.77 -20.34
N PHE C 63 -9.76 11.01 -19.10
CA PHE C 63 -8.68 11.95 -18.79
C PHE C 63 -7.68 11.41 -17.73
N SER C 64 -6.56 12.10 -17.58
CA SER C 64 -5.58 11.65 -16.63
C SER C 64 -4.68 12.79 -16.14
N GLU C 65 -4.94 14.02 -16.59
CA GLU C 65 -4.17 15.17 -16.12
C GLU C 65 -5.16 16.09 -15.45
N VAL C 66 -4.80 16.71 -14.33
CA VAL C 66 -5.73 17.59 -13.64
C VAL C 66 -4.95 18.65 -12.89
N ILE C 67 -5.44 19.87 -12.92
CA ILE C 67 -4.78 20.93 -12.19
C ILE C 67 -5.74 21.29 -11.07
N PHE C 68 -5.23 21.41 -9.83
CA PHE C 68 -6.05 21.78 -8.66
C PHE C 68 -5.67 23.15 -8.20
N ARG C 69 -6.62 24.08 -8.25
CA ARG C 69 -6.31 25.44 -7.82
C ARG C 69 -7.31 25.85 -6.76
N THR D 1 19.75 17.81 2.46
CA THR D 1 19.23 18.55 1.28
C THR D 1 18.90 19.98 1.64
N PRO D 2 19.23 20.94 0.75
CA PRO D 2 18.98 22.36 0.95
C PRO D 2 17.56 22.80 0.56
N ASP D 3 17.15 23.93 1.14
CA ASP D 3 15.83 24.56 0.89
C ASP D 3 15.86 25.18 -0.53
N CYS D 4 14.83 24.89 -1.31
CA CYS D 4 14.68 25.39 -2.66
C CYS D 4 13.70 26.55 -2.65
N VAL D 5 12.44 26.29 -2.35
CA VAL D 5 11.48 27.39 -2.30
C VAL D 5 10.50 27.29 -1.09
N THR D 6 10.01 28.42 -0.59
CA THR D 6 9.09 28.42 0.54
C THR D 6 7.88 29.30 0.32
N GLY D 7 6.70 28.77 0.63
CA GLY D 7 5.50 29.55 0.44
C GLY D 7 4.28 28.69 0.53
N LYS D 8 3.18 29.23 0.05
CA LYS D 8 1.94 28.54 0.03
C LYS D 8 1.94 27.79 -1.28
N VAL D 9 1.08 26.80 -1.41
CA VAL D 9 1.02 26.03 -2.63
C VAL D 9 0.09 26.79 -3.58
N GLU D 10 0.65 27.37 -4.63
CA GLU D 10 -0.18 28.08 -5.58
C GLU D 10 -1.22 27.11 -6.26
N TYR D 11 -0.77 25.91 -6.64
CA TYR D 11 -1.69 24.94 -7.26
C TYR D 11 -0.99 23.58 -7.44
N THR D 12 -1.75 22.51 -7.59
CA THR D 12 -1.18 21.17 -7.76
C THR D 12 -1.69 20.59 -9.05
N LYS D 13 -0.90 19.70 -9.65
CA LYS D 13 -1.26 19.08 -10.92
C LYS D 13 -1.05 17.58 -10.84
N TYR D 14 -2.02 16.79 -11.32
CA TYR D 14 -1.86 15.33 -11.33
C TYR D 14 -1.38 15.06 -12.73
N ASN D 15 -0.23 14.41 -12.87
CA ASN D 15 0.30 14.18 -14.19
C ASN D 15 -0.07 12.88 -14.88
N ASP D 16 0.01 12.91 -16.20
CA ASP D 16 -0.29 11.77 -17.03
C ASP D 16 0.59 10.56 -16.65
N ASP D 17 1.84 10.80 -16.22
CA ASP D 17 2.75 9.71 -15.84
C ASP D 17 2.70 9.29 -14.36
N ASP D 18 1.63 9.66 -13.69
CA ASP D 18 1.40 9.31 -12.28
C ASP D 18 2.24 10.08 -11.25
N THR D 19 2.94 11.10 -11.71
CA THR D 19 3.72 11.93 -10.78
C THR D 19 2.86 13.16 -10.48
N PHE D 20 3.11 13.77 -9.31
CA PHE D 20 2.37 14.94 -8.78
C PHE D 20 3.23 16.21 -8.85
N THR D 21 2.63 17.32 -9.26
CA THR D 21 3.37 18.59 -9.35
C THR D 21 2.84 19.69 -8.42
N VAL D 22 3.71 20.58 -7.96
CA VAL D 22 3.29 21.70 -7.09
C VAL D 22 3.95 23.00 -7.55
N LYS D 23 3.36 24.12 -7.19
CA LYS D 23 3.89 25.42 -7.53
C LYS D 23 4.01 26.18 -6.23
N VAL D 24 5.24 26.38 -5.79
CA VAL D 24 5.47 27.11 -4.56
C VAL D 24 6.38 28.23 -4.98
N GLY D 25 5.90 29.47 -5.07
CA GLY D 25 6.77 30.54 -5.50
C GLY D 25 7.07 30.58 -7.00
N ASP D 26 8.34 30.71 -7.35
CA ASP D 26 8.75 30.82 -8.75
C ASP D 26 9.00 29.46 -9.40
N LYS D 27 8.99 28.41 -8.60
CA LYS D 27 9.26 27.08 -9.13
C LYS D 27 8.06 26.15 -9.31
N GLU D 28 8.18 25.27 -10.29
CA GLU D 28 7.19 24.27 -10.55
C GLU D 28 8.03 22.99 -10.38
N LEU D 29 7.79 22.25 -9.30
CA LEU D 29 8.52 21.04 -8.97
C LEU D 29 7.55 19.84 -8.87
N PHE D 30 8.06 18.65 -9.17
CA PHE D 30 7.22 17.44 -9.12
C PHE D 30 7.85 16.36 -8.24
N THR D 31 7.02 15.42 -7.81
CA THR D 31 7.47 14.32 -6.97
C THR D 31 6.81 13.01 -7.40
N ASN D 32 7.55 11.91 -7.36
CA ASN D 32 6.91 10.67 -7.68
C ASN D 32 6.81 9.72 -6.50
N ARG D 33 6.65 10.31 -5.31
CA ARG D 33 6.44 9.65 -4.00
C ARG D 33 4.93 9.66 -3.91
N TRP D 34 4.30 8.51 -4.03
CA TRP D 34 2.84 8.45 -4.05
C TRP D 34 2.18 9.06 -2.85
N ASN D 35 2.56 8.61 -1.67
CA ASN D 35 1.93 9.08 -0.45
C ASN D 35 2.08 10.57 -0.11
N LEU D 36 2.72 11.33 -1.00
CA LEU D 36 2.86 12.76 -0.80
C LEU D 36 1.71 13.51 -1.42
N GLN D 37 1.01 12.87 -2.36
CA GLN D 37 -0.14 13.51 -2.98
C GLN D 37 -1.29 13.93 -2.00
N SER D 38 -1.62 13.11 -1.00
CA SER D 38 -2.67 13.49 -0.07
C SER D 38 -2.19 14.61 0.81
N LEU D 39 -0.96 14.47 1.31
CA LEU D 39 -0.41 15.49 2.18
C LEU D 39 -0.37 16.88 1.51
N LEU D 40 0.10 16.96 0.26
CA LEU D 40 0.18 18.25 -0.43
C LEU D 40 -1.17 18.91 -0.75
N LEU D 41 -2.15 18.10 -1.11
CA LEU D 41 -3.41 18.70 -1.43
C LEU D 41 -4.04 19.24 -0.16
N SER D 42 -3.75 18.64 0.98
CA SER D 42 -4.34 19.13 2.23
C SER D 42 -3.63 20.39 2.69
N ALA D 43 -2.32 20.44 2.42
CA ALA D 43 -1.51 21.59 2.73
C ALA D 43 -2.11 22.73 1.90
N GLN D 44 -2.40 22.40 0.66
CA GLN D 44 -2.99 23.33 -0.29
C GLN D 44 -4.32 23.90 0.22
N ILE D 45 -5.25 23.01 0.51
CA ILE D 45 -6.58 23.34 1.01
C ILE D 45 -6.54 24.20 2.29
N THR D 46 -5.75 23.81 3.26
CA THR D 46 -5.67 24.54 4.51
C THR D 46 -4.68 25.72 4.50
N GLY D 47 -4.11 26.05 3.34
CA GLY D 47 -3.21 27.19 3.27
C GLY D 47 -1.93 27.18 4.09
N MET D 48 -1.42 25.98 4.34
CA MET D 48 -0.19 25.84 5.08
C MET D 48 0.96 26.41 4.23
N THR D 49 2.09 26.60 4.88
CA THR D 49 3.28 27.11 4.21
C THR D 49 4.20 25.91 4.08
N VAL D 50 4.63 25.61 2.86
CA VAL D 50 5.52 24.44 2.71
C VAL D 50 6.91 24.86 2.24
N THR D 51 7.92 24.08 2.59
CA THR D 51 9.26 24.40 2.14
C THR D 51 9.72 23.16 1.41
N ILE D 52 9.89 23.26 0.08
CA ILE D 52 10.32 22.13 -0.76
C ILE D 52 11.83 22.08 -0.75
N LYS D 53 12.40 20.93 -0.39
CA LYS D 53 13.83 20.73 -0.32
C LYS D 53 14.34 19.84 -1.47
N THR D 54 15.30 20.36 -2.26
CA THR D 54 15.83 19.60 -3.40
C THR D 54 17.02 20.33 -4.01
N ASN D 55 17.95 19.53 -4.55
CA ASN D 55 19.15 20.03 -5.19
C ASN D 55 18.81 20.41 -6.63
N ALA D 56 17.68 19.86 -7.08
CA ALA D 56 17.16 20.07 -8.42
C ALA D 56 16.29 21.30 -8.43
N CYS D 57 16.73 22.34 -7.73
CA CYS D 57 15.94 23.55 -7.62
C CYS D 57 15.74 24.40 -8.87
N HIS D 58 14.84 23.98 -9.73
CA HIS D 58 14.53 24.74 -10.91
C HIS D 58 13.27 24.15 -11.52
N ASN D 59 12.59 24.91 -12.38
CA ASN D 59 11.35 24.41 -12.99
C ASN D 59 11.55 23.02 -13.61
N GLY D 60 10.73 22.07 -13.16
CA GLY D 60 10.82 20.70 -13.63
C GLY D 60 11.69 19.77 -12.75
N GLY D 61 12.31 20.31 -11.70
CA GLY D 61 13.14 19.48 -10.85
C GLY D 61 12.30 18.58 -9.95
N GLY D 62 12.85 17.41 -9.57
CA GLY D 62 12.10 16.52 -8.71
C GLY D 62 12.33 16.81 -7.23
N PHE D 63 11.48 16.29 -6.34
CA PHE D 63 11.68 16.49 -4.90
C PHE D 63 11.05 15.38 -4.07
N SER D 64 11.55 15.21 -2.84
CA SER D 64 11.01 14.18 -1.95
C SER D 64 11.05 14.63 -0.51
N GLU D 65 11.34 15.91 -0.27
CA GLU D 65 11.40 16.41 1.11
C GLU D 65 10.59 17.70 1.20
N VAL D 66 9.70 17.80 2.18
CA VAL D 66 8.90 18.99 2.32
C VAL D 66 8.80 19.26 3.81
N ILE D 67 8.58 20.51 4.19
CA ILE D 67 8.41 20.86 5.59
C ILE D 67 7.06 21.57 5.62
N PHE D 68 6.13 21.09 6.44
CA PHE D 68 4.81 21.69 6.50
C PHE D 68 4.73 22.64 7.69
N ARG D 69 4.39 23.89 7.44
CA ARG D 69 4.33 24.83 8.57
C ARG D 69 3.06 25.65 8.56
N THR E 1 6.18 2.83 27.50
CA THR E 1 7.27 3.80 27.23
C THR E 1 6.87 5.03 28.03
N PRO E 2 7.84 5.86 28.42
CA PRO E 2 7.47 7.07 29.19
C PRO E 2 7.11 8.31 28.31
N ASP E 3 6.42 9.30 28.90
CA ASP E 3 6.02 10.53 28.20
C ASP E 3 7.27 11.37 27.84
N CYS E 4 7.46 11.73 26.57
CA CYS E 4 8.61 12.56 26.19
C CYS E 4 8.21 14.03 26.07
N VAL E 5 7.26 14.36 25.18
CA VAL E 5 6.79 15.73 25.06
C VAL E 5 5.28 15.79 24.84
N THR E 6 4.66 16.86 25.34
CA THR E 6 3.24 17.07 25.07
C THR E 6 3.02 18.48 24.52
N GLY E 7 2.26 18.61 23.44
CA GLY E 7 2.02 19.94 22.96
C GLY E 7 1.48 19.89 21.58
N LYS E 8 1.26 21.05 20.98
CA LYS E 8 0.77 21.08 19.62
C LYS E 8 1.94 20.80 18.67
N VAL E 9 1.63 20.25 17.50
CA VAL E 9 2.65 19.97 16.51
C VAL E 9 3.12 21.30 15.91
N GLU E 10 4.37 21.69 16.13
CA GLU E 10 4.87 22.94 15.59
C GLU E 10 5.08 22.87 14.09
N TYR E 11 5.67 21.78 13.60
CA TYR E 11 5.90 21.54 12.15
C TYR E 11 6.24 20.07 11.88
N THR E 12 6.04 19.63 10.65
CA THR E 12 6.34 18.27 10.26
C THR E 12 7.16 18.32 8.97
N LYS E 13 8.01 17.33 8.78
CA LYS E 13 8.93 17.28 7.65
C LYS E 13 8.89 15.88 7.04
N TYR E 14 8.67 15.79 5.73
CA TYR E 14 8.64 14.48 5.06
C TYR E 14 10.06 14.20 4.58
N ASN E 15 10.75 13.28 5.24
CA ASN E 15 12.12 13.01 4.87
C ASN E 15 12.35 12.15 3.65
N ASP E 16 13.55 12.27 3.08
CA ASP E 16 13.88 11.49 1.89
C ASP E 16 13.83 9.97 2.09
N ASP E 17 14.31 9.47 3.25
CA ASP E 17 14.29 8.04 3.52
C ASP E 17 12.89 7.54 3.91
N ASP E 18 11.88 8.28 3.48
CA ASP E 18 10.47 7.96 3.78
C ASP E 18 10.07 7.84 5.30
N THR E 19 10.76 8.56 6.20
CA THR E 19 10.39 8.60 7.61
C THR E 19 9.63 9.95 7.72
N PHE E 20 9.21 10.36 8.91
CA PHE E 20 8.44 11.59 9.03
C PHE E 20 8.88 12.28 10.30
N THR E 21 9.29 13.55 10.23
CA THR E 21 9.75 14.24 11.43
C THR E 21 8.68 15.16 12.02
N VAL E 22 8.68 15.31 13.32
CA VAL E 22 7.70 16.16 13.92
C VAL E 22 8.37 17.04 14.99
N LYS E 23 7.88 18.24 15.20
CA LYS E 23 8.45 19.13 16.21
C LYS E 23 7.38 19.45 17.26
N VAL E 24 7.51 18.90 18.46
CA VAL E 24 6.54 19.18 19.53
C VAL E 24 7.36 19.63 20.72
N GLY E 25 6.92 20.68 21.42
CA GLY E 25 7.69 21.16 22.56
C GLY E 25 9.06 21.66 22.10
N ASP E 26 10.14 21.01 22.53
CA ASP E 26 11.40 21.50 22.03
C ASP E 26 12.12 20.38 21.32
N LYS E 27 11.60 19.18 21.44
CA LYS E 27 12.27 18.08 20.79
C LYS E 27 11.74 17.89 19.40
N GLU E 28 12.63 17.48 18.52
CA GLU E 28 12.29 17.21 17.15
C GLU E 28 12.51 15.72 17.04
N LEU E 29 11.44 14.95 16.92
CA LEU E 29 11.55 13.51 16.85
C LEU E 29 10.98 13.03 15.52
N PHE E 30 11.26 11.78 15.16
CA PHE E 30 10.77 11.17 13.92
C PHE E 30 10.25 9.75 14.14
N THR E 31 9.48 9.25 13.18
CA THR E 31 8.90 7.90 13.19
C THR E 31 9.12 7.29 11.80
N ASN E 32 9.07 5.97 11.71
CA ASN E 32 9.27 5.27 10.46
C ASN E 32 8.02 4.46 10.20
N ARG E 33 6.99 4.66 11.00
CA ARG E 33 5.77 3.89 10.80
C ARG E 33 4.95 4.71 9.80
N TRP E 34 4.94 4.25 8.55
CA TRP E 34 4.20 4.90 7.49
C TRP E 34 2.80 5.37 7.87
N ASN E 35 2.11 4.60 8.71
CA ASN E 35 0.77 4.93 9.14
C ASN E 35 0.61 6.25 9.84
N LEU E 36 1.52 6.54 10.77
CA LEU E 36 1.49 7.78 11.56
C LEU E 36 1.59 9.04 10.76
N GLN E 37 1.95 8.93 9.49
CA GLN E 37 2.13 10.10 8.63
C GLN E 37 0.92 11.01 8.47
N SER E 38 -0.18 10.49 7.88
CA SER E 38 -1.39 11.31 7.72
C SER E 38 -2.01 11.60 9.10
N LEU E 39 -1.89 10.66 10.03
CA LEU E 39 -2.44 10.92 11.32
C LEU E 39 -1.82 12.15 11.98
N LEU E 40 -0.52 12.39 11.76
CA LEU E 40 0.13 13.53 12.42
C LEU E 40 -0.14 14.84 11.71
N LEU E 41 -0.26 14.79 10.39
CA LEU E 41 -0.58 16.02 9.64
C LEU E 41 -1.99 16.51 10.02
N SER E 42 -2.91 15.55 10.22
CA SER E 42 -4.26 15.88 10.64
C SER E 42 -4.12 16.55 11.99
N ALA E 43 -3.32 15.94 12.87
CA ALA E 43 -3.10 16.45 14.22
C ALA E 43 -2.59 17.85 14.17
N GLN E 44 -1.54 18.09 13.37
CA GLN E 44 -0.96 19.42 13.21
C GLN E 44 -1.98 20.43 12.62
N ILE E 45 -2.72 20.01 11.61
CA ILE E 45 -3.72 20.89 10.98
C ILE E 45 -4.82 21.34 11.94
N THR E 46 -5.35 20.44 12.77
CA THR E 46 -6.42 20.83 13.66
C THR E 46 -6.00 21.45 14.98
N GLY E 47 -4.71 21.40 15.27
CA GLY E 47 -4.25 21.98 16.51
C GLY E 47 -4.44 21.05 17.67
N MET E 48 -4.43 19.75 17.42
CA MET E 48 -4.59 18.80 18.51
C MET E 48 -3.38 18.77 19.38
N THR E 49 -3.59 18.48 20.65
CA THR E 49 -2.49 18.37 21.56
C THR E 49 -2.05 16.93 21.50
N VAL E 50 -0.77 16.66 21.32
CA VAL E 50 -0.33 15.27 21.27
C VAL E 50 0.77 14.98 22.30
N THR E 51 0.80 13.74 22.78
CA THR E 51 1.82 13.30 23.72
C THR E 51 2.65 12.32 22.95
N ILE E 52 3.94 12.57 22.82
CA ILE E 52 4.74 11.56 22.13
C ILE E 52 5.46 10.79 23.25
N LYS E 53 5.44 9.47 23.13
CA LYS E 53 5.99 8.54 24.09
C LYS E 53 7.24 7.87 23.51
N THR E 54 8.36 8.01 24.20
CA THR E 54 9.56 7.42 23.65
C THR E 54 10.71 7.43 24.62
N ASN E 55 11.64 6.50 24.42
CA ASN E 55 12.78 6.48 25.32
C ASN E 55 13.83 7.38 24.72
N ALA E 56 13.87 7.41 23.39
CA ALA E 56 14.83 8.27 22.73
C ALA E 56 14.42 9.74 22.88
N CYS E 57 14.14 10.21 24.09
CA CYS E 57 13.67 11.60 24.26
C CYS E 57 14.66 12.79 24.07
N HIS E 58 15.27 12.87 22.89
CA HIS E 58 16.25 13.90 22.51
C HIS E 58 16.09 14.25 21.00
N ASN E 59 16.46 15.48 20.60
CA ASN E 59 16.31 15.87 19.19
C ASN E 59 16.91 14.77 18.37
N GLY E 60 16.20 14.28 17.38
CA GLY E 60 16.71 13.20 16.55
C GLY E 60 16.18 11.84 16.97
N GLY E 61 15.59 11.74 18.16
CA GLY E 61 15.04 10.46 18.63
C GLY E 61 13.87 9.89 17.85
N GLY E 62 13.73 8.58 17.85
CA GLY E 62 12.62 7.96 17.14
C GLY E 62 11.50 7.59 18.09
N PHE E 63 10.29 7.50 17.54
CA PHE E 63 9.12 7.17 18.34
C PHE E 63 8.10 6.38 17.56
N SER E 64 7.13 5.81 18.27
CA SER E 64 6.05 5.09 17.60
C SER E 64 4.73 5.11 18.40
N GLU E 65 4.74 5.63 19.63
CA GLU E 65 3.53 5.71 20.42
C GLU E 65 3.11 7.14 20.58
N VAL E 66 1.93 7.47 20.12
CA VAL E 66 1.44 8.85 20.23
C VAL E 66 0.00 8.85 20.79
N ILE E 67 -0.28 9.74 21.73
CA ILE E 67 -1.65 9.85 22.25
C ILE E 67 -2.24 11.13 21.58
N PHE E 68 -3.41 11.00 21.02
CA PHE E 68 -4.06 12.12 20.34
C PHE E 68 -5.18 12.67 21.22
N ARG E 69 -4.91 13.71 21.99
CA ARG E 69 -5.93 14.25 22.84
C ARG E 69 -6.65 15.37 22.13
N THR F 1 -22.02 -9.39 16.45
CA THR F 1 -21.36 -9.29 17.78
C THR F 1 -22.17 -8.33 18.63
N PRO F 2 -22.18 -8.52 19.96
CA PRO F 2 -22.95 -7.61 20.83
C PRO F 2 -22.44 -6.16 21.02
N ASP F 3 -23.36 -5.22 21.17
CA ASP F 3 -23.02 -3.82 21.42
C ASP F 3 -22.18 -3.79 22.66
N CYS F 4 -21.10 -3.04 22.69
CA CYS F 4 -20.28 -2.96 23.87
C CYS F 4 -20.27 -1.54 24.48
N VAL F 5 -20.08 -0.52 23.65
CA VAL F 5 -20.11 0.81 24.21
C VAL F 5 -20.50 1.86 23.12
N THR F 6 -21.13 2.97 23.51
CA THR F 6 -21.53 4.02 22.51
C THR F 6 -21.26 5.45 23.00
N GLY F 7 -20.68 6.28 22.11
CA GLY F 7 -20.40 7.67 22.46
C GLY F 7 -19.36 8.29 21.53
N LYS F 8 -18.85 9.45 21.94
CA LYS F 8 -17.79 10.16 21.21
C LYS F 8 -16.43 9.53 21.62
N VAL F 9 -15.43 9.63 20.77
CA VAL F 9 -14.09 9.12 21.05
C VAL F 9 -13.39 10.20 21.92
N GLU F 10 -12.94 9.87 23.12
CA GLU F 10 -12.26 10.91 23.93
C GLU F 10 -10.84 11.15 23.51
N TYR F 11 -10.18 10.07 23.13
CA TYR F 11 -8.83 10.14 22.62
C TYR F 11 -8.51 8.81 21.94
N THR F 12 -7.42 8.81 21.19
CA THR F 12 -6.99 7.65 20.48
C THR F 12 -5.50 7.59 20.74
N LYS F 13 -4.90 6.46 20.46
CA LYS F 13 -3.48 6.27 20.70
C LYS F 13 -2.95 5.23 19.77
N TYR F 14 -1.93 5.61 19.00
CA TYR F 14 -1.25 4.67 18.09
C TYR F 14 -0.25 3.91 19.00
N ASN F 15 -0.37 2.59 19.08
CA ASN F 15 0.50 1.83 19.95
C ASN F 15 1.70 1.30 19.22
N ASP F 16 2.61 0.75 20.00
CA ASP F 16 3.83 0.21 19.48
C ASP F 16 3.76 -0.88 18.42
N ASP F 17 2.71 -1.68 18.42
CA ASP F 17 2.61 -2.77 17.46
C ASP F 17 1.69 -2.43 16.32
N ASP F 18 1.51 -1.15 16.09
CA ASP F 18 0.62 -0.65 15.04
C ASP F 18 -0.88 -0.98 15.29
N THR F 19 -1.28 -1.26 16.53
CA THR F 19 -2.69 -1.49 16.83
C THR F 19 -3.11 -0.11 17.37
N PHE F 20 -4.32 0.34 17.04
CA PHE F 20 -4.82 1.67 17.41
C PHE F 20 -5.81 1.55 18.53
N THR F 21 -5.70 2.40 19.55
CA THR F 21 -6.61 2.36 20.71
C THR F 21 -7.59 3.53 20.77
N VAL F 22 -8.87 3.27 21.04
CA VAL F 22 -9.81 4.38 21.20
C VAL F 22 -10.36 4.30 22.63
N LYS F 23 -10.75 5.41 23.22
CA LYS F 23 -11.41 5.38 24.51
C LYS F 23 -12.85 5.94 24.17
N VAL F 24 -13.86 5.10 24.32
CA VAL F 24 -15.25 5.47 24.06
C VAL F 24 -15.99 5.06 25.30
N GLY F 25 -16.68 5.96 25.97
CA GLY F 25 -17.35 5.52 27.18
C GLY F 25 -16.31 5.37 28.27
N ASP F 26 -16.45 4.40 29.15
CA ASP F 26 -15.50 4.21 30.27
C ASP F 26 -14.45 3.13 29.93
N LYS F 27 -14.40 2.76 28.67
CA LYS F 27 -13.52 1.71 28.22
C LYS F 27 -12.51 2.06 27.14
N GLU F 28 -11.31 1.48 27.26
CA GLU F 28 -10.29 1.64 26.24
C GLU F 28 -10.42 0.35 25.45
N LEU F 29 -10.36 0.38 24.14
CA LEU F 29 -10.49 -0.87 23.42
C LEU F 29 -9.52 -0.72 22.29
N PHE F 30 -9.06 -1.78 21.62
CA PHE F 30 -8.09 -1.58 20.53
C PHE F 30 -8.48 -2.39 19.31
N THR F 31 -7.93 -2.08 18.15
CA THR F 31 -8.25 -2.82 16.94
C THR F 31 -6.96 -3.03 16.18
N ASN F 32 -6.88 -4.08 15.38
CA ASN F 32 -5.68 -4.34 14.60
C ASN F 32 -5.93 -3.98 13.13
N ARG F 33 -7.13 -3.50 12.82
CA ARG F 33 -7.49 -3.11 11.48
C ARG F 33 -6.83 -1.78 11.10
N TRP F 34 -5.94 -1.74 10.13
CA TRP F 34 -5.31 -0.47 9.74
C TRP F 34 -6.25 0.56 9.14
N ASN F 35 -7.09 0.10 8.21
CA ASN F 35 -8.03 0.92 7.48
C ASN F 35 -8.89 1.76 8.44
N LEU F 36 -9.04 1.32 9.69
CA LEU F 36 -9.85 2.02 10.69
C LEU F 36 -9.17 3.15 11.44
N GLN F 37 -7.86 3.22 11.38
CA GLN F 37 -7.17 4.24 12.11
C GLN F 37 -7.54 5.66 11.75
N SER F 38 -7.41 6.04 10.49
CA SER F 38 -7.76 7.41 10.21
C SER F 38 -9.29 7.65 10.38
N LEU F 39 -10.12 6.63 10.17
CA LEU F 39 -11.54 6.83 10.34
C LEU F 39 -11.84 7.14 11.81
N LEU F 40 -11.25 6.42 12.76
CA LEU F 40 -11.52 6.75 14.16
C LEU F 40 -10.93 8.09 14.53
N LEU F 41 -9.74 8.40 14.02
CA LEU F 41 -9.13 9.70 14.30
C LEU F 41 -10.07 10.80 13.83
N SER F 42 -10.67 10.64 12.65
CA SER F 42 -11.60 11.65 12.10
C SER F 42 -12.89 11.72 12.94
N ALA F 43 -13.29 10.59 13.48
CA ALA F 43 -14.47 10.51 14.30
C ALA F 43 -14.19 11.33 15.57
N GLN F 44 -12.93 11.38 15.93
CA GLN F 44 -12.54 12.16 17.08
C GLN F 44 -12.43 13.66 16.70
N ILE F 45 -11.85 13.98 15.54
CA ILE F 45 -11.71 15.37 15.16
C ILE F 45 -13.06 16.11 15.02
N THR F 46 -14.08 15.39 14.58
CA THR F 46 -15.44 15.93 14.32
C THR F 46 -16.51 15.64 15.40
N GLY F 47 -16.18 14.89 16.45
CA GLY F 47 -17.14 14.64 17.52
C GLY F 47 -18.25 13.66 17.20
N MET F 48 -18.03 12.87 16.16
CA MET F 48 -18.97 11.89 15.68
C MET F 48 -19.26 10.86 16.75
N THR F 49 -20.47 10.28 16.77
CA THR F 49 -20.81 9.26 17.78
C THR F 49 -20.66 7.88 17.14
N VAL F 50 -20.02 6.95 17.86
CA VAL F 50 -19.84 5.62 17.32
C VAL F 50 -20.21 4.55 18.34
N THR F 51 -20.49 3.36 17.83
CA THR F 51 -20.78 2.23 18.68
C THR F 51 -19.69 1.25 18.34
N ILE F 52 -19.11 0.64 19.36
CA ILE F 52 -18.09 -0.38 19.18
C ILE F 52 -18.70 -1.70 19.60
N LYS F 53 -18.64 -2.69 18.73
CA LYS F 53 -19.20 -4.01 19.00
C LYS F 53 -18.09 -4.98 19.29
N THR F 54 -18.27 -5.84 20.28
CA THR F 54 -17.22 -6.82 20.60
C THR F 54 -17.57 -7.72 21.79
N ASN F 55 -17.05 -8.95 21.79
CA ASN F 55 -17.32 -9.84 22.92
C ASN F 55 -16.35 -9.46 24.06
N ALA F 56 -15.21 -8.88 23.70
CA ALA F 56 -14.22 -8.49 24.68
C ALA F 56 -14.56 -7.14 25.25
N CYS F 57 -15.71 -7.03 25.90
CA CYS F 57 -16.10 -5.74 26.44
C CYS F 57 -15.61 -5.40 27.84
N HIS F 58 -14.30 -5.18 27.96
CA HIS F 58 -13.63 -4.81 29.21
C HIS F 58 -12.42 -3.98 28.79
N ASN F 59 -11.86 -3.17 29.67
CA ASN F 59 -10.65 -2.43 29.23
C ASN F 59 -9.54 -3.30 28.61
N GLY F 60 -8.94 -2.79 27.54
CA GLY F 60 -7.88 -3.49 26.86
C GLY F 60 -8.38 -4.50 25.86
N GLY F 61 -9.69 -4.73 25.87
CA GLY F 61 -10.28 -5.67 24.94
C GLY F 61 -10.13 -5.29 23.47
N GLY F 62 -10.17 -6.25 22.55
CA GLY F 62 -10.08 -5.94 21.12
C GLY F 62 -11.40 -5.86 20.33
N PHE F 63 -11.35 -5.28 19.14
CA PHE F 63 -12.55 -5.13 18.31
C PHE F 63 -12.23 -4.90 16.84
N SER F 64 -13.18 -5.25 15.99
CA SER F 64 -13.03 -5.03 14.58
C SER F 64 -14.34 -4.59 13.96
N GLU F 65 -15.39 -4.46 14.75
CA GLU F 65 -16.71 -3.99 14.26
C GLU F 65 -17.06 -2.57 14.83
N VAL F 66 -17.42 -1.63 13.96
CA VAL F 66 -17.76 -0.32 14.40
C VAL F 66 -18.94 0.19 13.62
N ILE F 67 -19.73 1.04 14.24
CA ILE F 67 -20.84 1.66 13.53
C ILE F 67 -20.66 3.16 13.70
N PHE F 68 -20.51 3.90 12.61
CA PHE F 68 -20.36 5.33 12.68
C PHE F 68 -21.78 5.92 12.61
N ARG F 69 -22.11 6.84 13.51
CA ARG F 69 -23.46 7.37 13.52
C ARG F 69 -23.58 8.84 13.24
N THR G 1 -28.66 2.46 -14.34
CA THR G 1 -29.43 1.67 -13.33
C THR G 1 -30.42 2.64 -12.65
N PRO G 2 -31.54 2.12 -12.09
CA PRO G 2 -32.44 3.08 -11.45
C PRO G 2 -31.92 3.58 -10.11
N ASP G 3 -32.24 4.83 -9.81
CA ASP G 3 -31.82 5.39 -8.55
C ASP G 3 -32.66 4.57 -7.56
N CYS G 4 -32.05 4.20 -6.44
CA CYS G 4 -32.73 3.40 -5.45
C CYS G 4 -33.11 4.15 -4.18
N VAL G 5 -32.16 4.97 -3.71
CA VAL G 5 -32.35 5.71 -2.49
C VAL G 5 -31.43 6.94 -2.56
N THR G 6 -31.91 8.07 -1.99
CA THR G 6 -31.20 9.36 -1.97
C THR G 6 -31.21 10.04 -0.56
N GLY G 7 -30.05 10.51 -0.12
CA GLY G 7 -30.03 11.18 1.17
C GLY G 7 -28.68 11.14 1.82
N LYS G 8 -28.58 11.70 3.02
CA LYS G 8 -27.33 11.68 3.77
C LYS G 8 -27.15 10.26 4.28
N VAL G 9 -25.93 9.88 4.65
CA VAL G 9 -25.70 8.53 5.16
C VAL G 9 -26.10 8.54 6.63
N GLU G 10 -27.10 7.76 6.98
CA GLU G 10 -27.56 7.75 8.34
C GLU G 10 -26.57 7.03 9.26
N TYR G 11 -25.91 6.02 8.73
CA TYR G 11 -24.91 5.32 9.50
C TYR G 11 -24.23 4.28 8.69
N THR G 12 -22.95 4.02 8.98
CA THR G 12 -22.23 2.95 8.28
C THR G 12 -21.75 1.92 9.30
N LYS G 13 -21.84 0.65 8.91
CA LYS G 13 -21.41 -0.47 9.75
C LYS G 13 -20.19 -1.02 9.08
N TYR G 14 -19.09 -1.06 9.81
CA TYR G 14 -17.85 -1.57 9.26
C TYR G 14 -17.71 -2.90 9.97
N ASN G 15 -18.06 -3.98 9.28
CA ASN G 15 -18.09 -5.30 9.89
C ASN G 15 -16.80 -6.12 10.10
N ASP G 16 -17.03 -7.36 10.50
CA ASP G 16 -16.04 -8.41 10.76
C ASP G 16 -16.24 -9.41 9.56
N ASP G 17 -17.51 -9.76 9.29
CA ASP G 17 -17.94 -10.64 8.18
C ASP G 17 -17.55 -9.88 6.93
N ASP G 18 -16.66 -8.93 7.22
CA ASP G 18 -16.03 -7.92 6.35
C ASP G 18 -16.96 -7.06 5.46
N THR G 19 -18.28 -7.28 5.53
CA THR G 19 -19.16 -6.46 4.71
C THR G 19 -19.51 -5.14 5.33
N PHE G 20 -19.38 -4.14 4.47
CA PHE G 20 -19.63 -2.76 4.77
C PHE G 20 -21.09 -2.57 4.43
N THR G 21 -21.86 -1.97 5.33
CA THR G 21 -23.26 -1.72 5.10
C THR G 21 -23.57 -0.25 5.40
N VAL G 22 -24.32 0.40 4.53
CA VAL G 22 -24.64 1.79 4.80
C VAL G 22 -26.13 1.91 4.90
N LYS G 23 -26.61 2.88 5.65
CA LYS G 23 -28.05 3.13 5.74
C LYS G 23 -28.27 4.48 5.02
N VAL G 24 -28.97 4.44 3.92
CA VAL G 24 -29.25 5.66 3.18
C VAL G 24 -30.73 5.64 2.90
N GLY G 25 -31.38 6.73 3.25
CA GLY G 25 -32.80 6.76 3.06
C GLY G 25 -33.41 5.78 4.04
N ASP G 26 -34.24 4.88 3.51
CA ASP G 26 -34.93 3.87 4.32
C ASP G 26 -34.36 2.45 4.22
N LYS G 27 -33.41 2.21 3.32
CA LYS G 27 -32.81 0.89 3.16
C LYS G 27 -31.41 0.76 3.70
N GLU G 28 -31.01 -0.47 3.95
CA GLU G 28 -29.69 -0.75 4.45
C GLU G 28 -29.03 -1.55 3.29
N LEU G 29 -28.17 -0.94 2.48
CA LEU G 29 -27.51 -1.63 1.37
C LEU G 29 -26.03 -1.89 1.72
N PHE G 30 -25.39 -2.86 1.05
CA PHE G 30 -23.98 -3.21 1.29
C PHE G 30 -23.15 -3.14 0.03
N THR G 31 -21.86 -2.88 0.15
CA THR G 31 -21.02 -2.91 -1.04
C THR G 31 -19.69 -3.52 -0.71
N ASN G 32 -19.15 -4.26 -1.68
CA ASN G 32 -17.89 -4.94 -1.49
C ASN G 32 -16.72 -4.35 -2.26
N ARG G 33 -16.95 -3.26 -3.01
CA ARG G 33 -15.88 -2.63 -3.81
C ARG G 33 -15.03 -1.78 -2.85
N TRP G 34 -13.82 -2.25 -2.62
CA TRP G 34 -12.86 -1.62 -1.70
C TRP G 34 -12.64 -0.11 -1.74
N ASN G 35 -12.55 0.49 -2.92
CA ASN G 35 -12.37 1.91 -2.83
C ASN G 35 -13.65 2.65 -2.58
N LEU G 36 -14.78 2.13 -3.02
CA LEU G 36 -16.06 2.79 -2.79
C LEU G 36 -16.34 2.98 -1.30
N GLN G 37 -15.71 2.18 -0.43
CA GLN G 37 -15.98 2.32 1.01
C GLN G 37 -15.31 3.51 1.69
N SER G 38 -14.10 3.88 1.27
CA SER G 38 -13.48 5.04 1.90
C SER G 38 -14.22 6.30 1.42
N LEU G 39 -14.61 6.30 0.15
CA LEU G 39 -15.35 7.42 -0.41
C LEU G 39 -16.67 7.67 0.33
N LEU G 40 -17.43 6.61 0.62
CA LEU G 40 -18.70 6.73 1.32
C LEU G 40 -18.47 7.17 2.75
N LEU G 41 -17.32 6.84 3.32
CA LEU G 41 -17.03 7.31 4.68
C LEU G 41 -16.77 8.82 4.66
N SER G 42 -16.08 9.30 3.66
CA SER G 42 -15.84 10.73 3.57
C SER G 42 -17.16 11.43 3.33
N ALA G 43 -18.01 10.85 2.49
CA ALA G 43 -19.33 11.41 2.22
C ALA G 43 -20.15 11.47 3.51
N GLN G 44 -20.09 10.42 4.33
CA GLN G 44 -20.84 10.43 5.58
C GLN G 44 -20.32 11.51 6.51
N ILE G 45 -18.99 11.50 6.71
CA ILE G 45 -18.31 12.42 7.61
C ILE G 45 -18.42 13.90 7.24
N THR G 46 -18.55 14.21 5.96
CA THR G 46 -18.62 15.61 5.55
C THR G 46 -20.04 16.10 5.22
N GLY G 47 -21.01 15.19 5.26
CA GLY G 47 -22.38 15.59 5.01
C GLY G 47 -22.85 15.54 3.57
N MET G 48 -22.05 14.97 2.69
CA MET G 48 -22.44 14.86 1.28
C MET G 48 -23.76 14.13 1.19
N THR G 49 -24.45 14.36 0.10
CA THR G 49 -25.70 13.70 -0.21
C THR G 49 -25.38 12.72 -1.32
N VAL G 50 -25.81 11.49 -1.16
CA VAL G 50 -25.52 10.50 -2.18
C VAL G 50 -26.79 9.89 -2.72
N THR G 51 -26.68 9.28 -3.91
CA THR G 51 -27.78 8.58 -4.51
C THR G 51 -27.15 7.24 -4.82
N ILE G 52 -27.75 6.16 -4.33
CA ILE G 52 -27.24 4.83 -4.63
C ILE G 52 -28.18 4.28 -5.70
N LYS G 53 -27.59 3.81 -6.79
CA LYS G 53 -28.33 3.24 -7.90
C LYS G 53 -28.13 1.74 -7.88
N THR G 54 -29.21 0.99 -8.01
CA THR G 54 -29.11 -0.47 -8.02
C THR G 54 -30.43 -1.10 -8.41
N ASN G 55 -30.38 -2.37 -8.79
CA ASN G 55 -31.57 -3.15 -9.16
C ASN G 55 -32.01 -3.94 -7.93
N ALA G 56 -31.04 -4.17 -7.02
CA ALA G 56 -31.22 -4.90 -5.77
C ALA G 56 -31.66 -3.96 -4.65
N CYS G 57 -32.57 -3.06 -4.97
CA CYS G 57 -33.09 -2.03 -4.05
C CYS G 57 -34.04 -2.50 -2.93
N HIS G 58 -33.47 -3.21 -1.97
CA HIS G 58 -34.22 -3.75 -0.83
C HIS G 58 -33.20 -4.01 0.26
N ASN G 59 -33.66 -3.96 1.51
CA ASN G 59 -32.78 -4.18 2.65
C ASN G 59 -31.92 -5.38 2.35
N GLY G 60 -30.63 -5.27 2.60
CA GLY G 60 -29.76 -6.38 2.31
C GLY G 60 -29.18 -6.38 0.91
N GLY G 61 -29.78 -5.65 -0.02
CA GLY G 61 -29.27 -5.63 -1.39
C GLY G 61 -27.89 -5.03 -1.57
N GLY G 62 -27.17 -5.44 -2.64
CA GLY G 62 -25.85 -4.92 -2.92
C GLY G 62 -25.88 -3.86 -4.00
N PHE G 63 -24.80 -3.09 -4.14
CA PHE G 63 -24.73 -1.99 -5.12
C PHE G 63 -23.27 -1.65 -5.44
N SER G 64 -23.08 -0.87 -6.52
CA SER G 64 -21.76 -0.42 -6.98
C SER G 64 -21.82 0.92 -7.75
N GLU G 65 -22.97 1.58 -7.76
CA GLU G 65 -23.08 2.86 -8.43
C GLU G 65 -23.55 3.88 -7.44
N VAL G 66 -22.75 4.92 -7.28
CA VAL G 66 -23.04 5.99 -6.32
C VAL G 66 -22.75 7.34 -6.94
N ILE G 67 -23.62 8.30 -6.68
CA ILE G 67 -23.42 9.66 -7.19
C ILE G 67 -23.16 10.56 -5.97
N PHE G 68 -22.13 11.41 -6.04
CA PHE G 68 -21.86 12.30 -4.92
C PHE G 68 -22.22 13.77 -5.18
N ARG G 69 -23.11 14.35 -4.39
CA ARG G 69 -23.47 15.73 -4.61
C ARG G 69 -22.95 16.58 -3.46
N THR H 1 15.41 -9.13 22.10
CA THR H 1 14.27 -10.02 22.29
C THR H 1 14.84 -11.38 22.15
N PRO H 2 14.65 -12.21 23.15
CA PRO H 2 15.19 -13.56 23.10
C PRO H 2 14.53 -14.53 22.11
N ASP H 3 15.32 -15.43 21.53
CA ASP H 3 14.83 -16.44 20.60
C ASP H 3 13.78 -17.26 21.32
N CYS H 4 12.74 -17.69 20.62
CA CYS H 4 11.76 -18.51 21.27
C CYS H 4 11.74 -19.86 20.66
N VAL H 5 11.73 -19.94 19.35
CA VAL H 5 11.67 -21.25 18.74
C VAL H 5 12.24 -21.14 17.33
N THR H 6 12.81 -22.24 16.81
CA THR H 6 13.41 -22.30 15.46
C THR H 6 13.12 -23.61 14.79
N GLY H 7 12.72 -23.55 13.53
CA GLY H 7 12.46 -24.79 12.81
C GLY H 7 11.70 -24.46 11.54
N LYS H 8 11.15 -25.47 10.87
CA LYS H 8 10.39 -25.22 9.66
C LYS H 8 8.99 -24.93 10.09
N VAL H 9 8.26 -24.17 9.28
CA VAL H 9 6.87 -23.84 9.59
C VAL H 9 6.01 -25.06 9.30
N GLU H 10 5.50 -25.67 10.36
CA GLU H 10 4.73 -26.90 10.26
C GLU H 10 3.35 -26.70 9.56
N TYR H 11 2.71 -25.57 9.84
CA TYR H 11 1.42 -25.18 9.26
C TYR H 11 1.07 -23.77 9.78
N THR H 12 0.27 -23.00 9.04
CA THR H 12 -0.14 -21.66 9.45
C THR H 12 -1.64 -21.63 9.50
N LYS H 13 -2.20 -20.64 10.17
CA LYS H 13 -3.62 -20.50 10.34
C LYS H 13 -3.94 -19.02 10.33
N TYR H 14 -4.89 -18.59 9.49
CA TYR H 14 -5.33 -17.18 9.43
C TYR H 14 -6.51 -17.19 10.44
N ASN H 15 -6.47 -16.30 11.43
CA ASN H 15 -7.51 -16.31 12.43
C ASN H 15 -8.68 -15.38 12.21
N ASP H 16 -9.78 -15.73 12.87
CA ASP H 16 -10.97 -14.93 12.79
C ASP H 16 -10.72 -13.45 13.17
N ASP H 17 -9.84 -13.15 14.13
CA ASP H 17 -9.54 -11.76 14.49
C ASP H 17 -8.46 -11.13 13.64
N ASP H 18 -8.19 -11.71 12.46
CA ASP H 18 -7.20 -11.21 11.49
C ASP H 18 -5.69 -11.32 11.79
N THR H 19 -5.33 -11.95 12.91
CA THR H 19 -3.96 -12.22 13.33
C THR H 19 -3.50 -13.55 12.64
N PHE H 20 -2.20 -13.75 12.45
CA PHE H 20 -1.73 -14.95 11.77
C PHE H 20 -1.03 -15.87 12.76
N THR H 21 -1.38 -17.14 12.78
CA THR H 21 -0.76 -18.12 13.67
C THR H 21 0.26 -18.98 12.93
N VAL H 22 1.37 -19.27 13.59
CA VAL H 22 2.41 -20.07 12.99
C VAL H 22 2.83 -21.20 13.94
N LYS H 23 3.04 -22.40 13.41
CA LYS H 23 3.49 -23.50 14.27
C LYS H 23 4.92 -23.77 13.88
N VAL H 24 5.82 -23.54 14.83
CA VAL H 24 7.25 -23.75 14.60
C VAL H 24 7.76 -24.40 15.86
N GLY H 25 8.56 -25.46 15.74
CA GLY H 25 9.06 -26.13 16.92
C GLY H 25 7.86 -26.58 17.70
N ASP H 26 7.91 -26.53 19.04
CA ASP H 26 6.74 -26.97 19.80
C ASP H 26 5.73 -25.89 20.20
N LYS H 27 5.83 -24.71 19.61
CA LYS H 27 4.91 -23.66 19.98
C LYS H 27 3.99 -23.19 18.84
N GLU H 28 2.81 -22.74 19.22
CA GLU H 28 1.87 -22.14 18.27
C GLU H 28 1.87 -20.68 18.68
N LEU H 29 2.48 -19.80 17.89
CA LEU H 29 2.56 -18.38 18.20
C LEU H 29 1.85 -17.58 17.12
N PHE H 30 1.46 -16.34 17.41
CA PHE H 30 0.73 -15.55 16.42
C PHE H 30 1.25 -14.10 16.26
N THR H 31 0.97 -13.46 15.11
CA THR H 31 1.43 -12.09 14.92
C THR H 31 0.30 -11.28 14.36
N ASN H 32 0.31 -9.99 14.71
CA ASN H 32 -0.68 -9.07 14.20
C ASN H 32 -0.06 -8.11 13.16
N ARG H 33 1.18 -8.31 12.77
CA ARG H 33 1.77 -7.44 11.75
C ARG H 33 1.31 -7.97 10.39
N TRP H 34 0.56 -7.15 9.67
CA TRP H 34 0.01 -7.57 8.39
C TRP H 34 1.00 -8.00 7.35
N ASN H 35 2.12 -7.30 7.21
CA ASN H 35 3.08 -7.67 6.15
C ASN H 35 3.79 -8.99 6.36
N LEU H 36 3.65 -9.58 7.54
CA LEU H 36 4.30 -10.85 7.81
C LEU H 36 3.49 -12.04 7.39
N GLN H 37 2.17 -11.88 7.21
CA GLN H 37 1.39 -13.04 6.82
C GLN H 37 1.96 -13.60 5.53
N SER H 38 2.11 -12.72 4.53
CA SER H 38 2.63 -13.16 3.24
C SER H 38 4.05 -13.71 3.33
N LEU H 39 4.95 -13.02 4.03
CA LEU H 39 6.31 -13.54 4.17
C LEU H 39 6.29 -14.92 4.86
N LEU H 40 5.41 -15.14 5.83
CA LEU H 40 5.43 -16.42 6.49
C LEU H 40 4.86 -17.59 5.64
N LEU H 41 3.82 -17.35 4.85
CA LEU H 41 3.29 -18.39 3.99
C LEU H 41 4.42 -18.78 3.00
N SER H 42 5.13 -17.78 2.49
CA SER H 42 6.24 -18.07 1.57
C SER H 42 7.32 -18.89 2.26
N ALA H 43 7.65 -18.58 3.50
CA ALA H 43 8.69 -19.39 4.15
C ALA H 43 8.21 -20.87 4.46
N GLN H 44 6.89 -21.02 4.58
CA GLN H 44 6.31 -22.33 4.86
C GLN H 44 6.46 -23.16 3.61
N ILE H 45 5.99 -22.62 2.48
CA ILE H 45 6.06 -23.31 1.20
C ILE H 45 7.44 -23.65 0.75
N THR H 46 8.35 -22.69 0.73
CA THR H 46 9.69 -23.01 0.25
C THR H 46 10.58 -23.70 1.29
N GLY H 47 9.97 -24.08 2.41
CA GLY H 47 10.65 -24.78 3.49
C GLY H 47 11.80 -24.07 4.19
N MET H 48 11.73 -22.74 4.30
CA MET H 48 12.79 -22.03 4.96
C MET H 48 12.81 -22.36 6.43
N THR H 49 13.93 -22.09 7.09
CA THR H 49 14.02 -22.36 8.51
C THR H 49 13.85 -21.04 9.20
N VAL H 50 12.85 -20.89 10.07
CA VAL H 50 12.71 -19.57 10.65
C VAL H 50 12.91 -19.56 12.16
N THR H 51 13.31 -18.41 12.69
CA THR H 51 13.49 -18.29 14.13
C THR H 51 12.55 -17.16 14.53
N ILE H 52 11.74 -17.42 15.55
CA ILE H 52 10.82 -16.42 16.05
C ILE H 52 11.31 -15.91 17.39
N LYS H 53 11.53 -14.61 17.54
CA LYS H 53 12.00 -14.10 18.83
C LYS H 53 10.84 -13.44 19.54
N THR H 54 10.62 -13.75 20.81
CA THR H 54 9.53 -13.05 21.47
C THR H 54 9.65 -13.16 22.95
N ASN H 55 9.12 -12.20 23.68
CA ASN H 55 9.18 -12.23 25.12
C ASN H 55 8.14 -13.19 25.69
N ALA H 56 7.05 -13.45 24.95
CA ALA H 56 6.01 -14.36 25.48
C ALA H 56 6.13 -15.71 24.77
N CYS H 57 7.09 -16.51 25.21
CA CYS H 57 7.39 -17.79 24.56
C CYS H 57 6.62 -19.00 25.09
N HIS H 58 5.37 -19.10 24.67
CA HIS H 58 4.44 -20.17 25.05
C HIS H 58 3.34 -20.19 24.01
N ASN H 59 2.64 -21.32 23.95
CA ASN H 59 1.52 -21.41 22.98
C ASN H 59 0.58 -20.19 23.18
N GLY H 60 0.19 -19.58 22.07
CA GLY H 60 -0.68 -18.45 22.17
C GLY H 60 -0.05 -17.09 22.37
N GLY H 61 1.25 -17.02 22.59
CA GLY H 61 1.84 -15.72 22.76
C GLY H 61 2.03 -15.03 21.41
N GLY H 62 2.27 -13.73 21.44
CA GLY H 62 2.51 -12.98 20.21
C GLY H 62 3.99 -12.73 19.86
N PHE H 63 4.28 -12.42 18.60
CA PHE H 63 5.63 -12.14 18.18
C PHE H 63 5.64 -11.11 17.06
N SER H 64 6.79 -10.47 16.87
CA SER H 64 6.88 -9.49 15.80
C SER H 64 8.24 -9.55 15.13
N GLU H 65 9.18 -10.30 15.71
CA GLU H 65 10.51 -10.43 15.11
C GLU H 65 10.72 -11.83 14.55
N VAL H 66 11.22 -11.96 13.32
CA VAL H 66 11.41 -13.27 12.73
C VAL H 66 12.72 -13.26 11.95
N ILE H 67 13.37 -14.41 11.85
CA ILE H 67 14.59 -14.49 11.06
C ILE H 67 14.42 -15.57 10.03
N PHE H 68 14.63 -15.25 8.76
CA PHE H 68 14.47 -16.22 7.69
C PHE H 68 15.83 -16.69 7.27
N ARG H 69 16.13 -17.96 7.51
CA ARG H 69 17.41 -18.57 7.15
C ARG H 69 17.13 -19.46 5.97
N THR I 1 25.15 7.13 -5.65
CA THR I 1 25.25 6.47 -4.31
C THR I 1 26.21 5.30 -4.39
N PRO I 2 27.27 5.34 -3.58
CA PRO I 2 28.34 4.34 -3.48
C PRO I 2 27.96 2.88 -3.20
N ASP I 3 28.70 1.95 -3.78
CA ASP I 3 28.45 0.53 -3.52
C ASP I 3 28.90 0.29 -2.08
N CYS I 4 28.09 -0.41 -1.26
CA CYS I 4 28.49 -0.70 0.11
C CYS I 4 28.82 -2.18 0.27
N VAL I 5 28.05 -3.05 -0.38
CA VAL I 5 28.31 -4.48 -0.26
C VAL I 5 27.58 -5.28 -1.35
N THR I 6 28.20 -6.37 -1.80
CA THR I 6 27.63 -7.22 -2.84
C THR I 6 27.72 -8.67 -2.51
N GLY I 7 26.68 -9.44 -2.79
CA GLY I 7 26.70 -10.87 -2.49
C GLY I 7 25.32 -11.52 -2.49
N LYS I 8 25.25 -12.73 -1.96
CA LYS I 8 24.00 -13.46 -1.87
C LYS I 8 23.34 -13.08 -0.54
N VAL I 9 22.01 -13.13 -0.44
CA VAL I 9 21.36 -12.75 0.81
C VAL I 9 21.48 -13.90 1.75
N GLU I 10 22.16 -13.66 2.84
CA GLU I 10 22.40 -14.72 3.81
C GLU I 10 21.18 -15.07 4.65
N TYR I 11 20.55 -14.02 5.18
CA TYR I 11 19.32 -14.16 5.92
C TYR I 11 18.63 -12.77 5.97
N THR I 12 17.31 -12.75 6.14
CA THR I 12 16.57 -11.47 6.25
C THR I 12 15.87 -11.57 7.59
N LYS I 13 15.48 -10.43 8.14
CA LYS I 13 14.84 -10.44 9.45
C LYS I 13 13.74 -9.37 9.46
N TYR I 14 12.62 -9.67 10.09
CA TYR I 14 11.55 -8.71 10.19
C TYR I 14 11.70 -8.13 11.60
N ASN I 15 12.07 -6.85 11.68
CA ASN I 15 12.31 -6.20 12.96
C ASN I 15 11.00 -5.72 13.54
N ASP I 16 11.05 -5.54 14.87
CA ASP I 16 9.93 -5.08 15.67
C ASP I 16 9.33 -3.73 15.31
N ASP I 17 10.02 -2.93 14.50
CA ASP I 17 9.48 -1.64 14.12
C ASP I 17 9.10 -1.72 12.65
N ASP I 18 8.77 -2.89 12.19
CA ASP I 18 8.37 -3.05 10.82
C ASP I 18 9.40 -2.72 9.76
N THR I 19 10.66 -2.47 10.11
CA THR I 19 11.69 -2.26 9.07
C THR I 19 12.22 -3.65 8.70
N PHE I 20 12.92 -3.81 7.58
CA PHE I 20 13.38 -5.13 7.22
C PHE I 20 14.95 -5.27 7.19
N THR I 21 15.55 -6.16 7.97
CA THR I 21 17.01 -6.31 7.91
C THR I 21 17.46 -7.39 6.94
N VAL I 22 18.56 -7.10 6.25
CA VAL I 22 19.14 -8.03 5.28
C VAL I 22 20.61 -8.24 5.68
N LYS I 23 21.11 -9.45 5.58
CA LYS I 23 22.51 -9.69 5.89
C LYS I 23 23.21 -10.11 4.59
N VAL I 24 24.02 -9.21 4.04
CA VAL I 24 24.76 -9.40 2.79
C VAL I 24 26.26 -9.17 3.06
N GLY I 25 27.07 -10.15 2.70
CA GLY I 25 28.48 -9.98 2.99
C GLY I 25 28.73 -9.97 4.49
N ASP I 26 29.48 -9.00 4.97
CA ASP I 26 29.82 -8.94 6.39
C ASP I 26 28.97 -7.86 7.06
N LYS I 27 28.04 -7.28 6.32
CA LYS I 27 27.21 -6.23 6.89
C LYS I 27 25.75 -6.61 7.02
N GLU I 28 25.12 -5.94 7.98
CA GLU I 28 23.71 -6.15 8.28
C GLU I 28 23.00 -4.77 8.10
N LEU I 29 22.29 -4.60 7.00
CA LEU I 29 21.66 -3.33 6.71
C LEU I 29 20.14 -3.48 6.75
N PHE I 30 19.43 -2.38 6.99
CA PHE I 30 17.98 -2.43 7.09
C PHE I 30 17.36 -1.37 6.24
N THR I 31 16.10 -1.56 5.86
CA THR I 31 15.41 -0.59 5.03
C THR I 31 14.02 -0.39 5.62
N ASN I 32 13.40 0.73 5.31
CA ASN I 32 12.06 0.94 5.83
C ASN I 32 11.19 1.13 4.64
N ARG I 33 11.69 0.76 3.46
CA ARG I 33 10.92 0.84 2.25
C ARG I 33 10.14 -0.43 2.32
N TRP I 34 8.85 -0.34 2.58
CA TRP I 34 8.03 -1.52 2.70
C TRP I 34 8.01 -2.34 1.43
N ASN I 35 8.17 -1.67 0.29
CA ASN I 35 8.15 -2.33 -1.01
C ASN I 35 9.23 -3.39 -1.21
N LEU I 36 10.41 -3.14 -0.67
CA LEU I 36 11.52 -4.04 -0.79
C LEU I 36 11.43 -5.35 -0.04
N GLN I 37 10.62 -5.39 1.00
CA GLN I 37 10.52 -6.62 1.77
C GLN I 37 10.28 -7.89 0.99
N SER I 38 9.23 -7.93 0.16
CA SER I 38 9.01 -9.16 -0.57
C SER I 38 9.99 -9.33 -1.73
N LEU I 39 10.56 -8.23 -2.23
CA LEU I 39 11.52 -8.33 -3.33
C LEU I 39 12.80 -8.97 -2.76
N LEU I 40 13.24 -8.54 -1.58
CA LEU I 40 14.44 -9.10 -1.01
C LEU I 40 14.24 -10.57 -0.58
N LEU I 41 13.06 -10.96 -0.12
CA LEU I 41 12.91 -12.35 0.29
C LEU I 41 12.97 -13.23 -0.95
N SER I 42 12.41 -12.76 -2.07
CA SER I 42 12.47 -13.53 -3.32
C SER I 42 13.90 -13.67 -3.79
N ALA I 43 14.70 -12.64 -3.63
CA ALA I 43 16.09 -12.67 -4.06
C ALA I 43 16.76 -13.68 -3.16
N GLN I 44 16.35 -13.69 -1.89
CA GLN I 44 16.94 -14.65 -0.99
C GLN I 44 16.63 -16.10 -1.41
N ILE I 45 15.36 -16.39 -1.72
CA ILE I 45 14.97 -17.73 -2.12
C ILE I 45 15.60 -18.24 -3.40
N THR I 46 15.62 -17.38 -4.42
CA THR I 46 16.13 -17.70 -5.75
C THR I 46 17.64 -17.56 -5.91
N GLY I 47 18.35 -17.32 -4.83
CA GLY I 47 19.80 -17.23 -4.92
C GLY I 47 20.38 -16.04 -5.67
N MET I 48 19.65 -14.95 -5.80
CA MET I 48 20.19 -13.82 -6.51
C MET I 48 21.34 -13.20 -5.74
N THR I 49 22.14 -12.42 -6.45
CA THR I 49 23.27 -11.68 -5.90
C THR I 49 22.77 -10.25 -5.84
N VAL I 50 22.83 -9.61 -4.69
CA VAL I 50 22.36 -8.23 -4.65
C VAL I 50 23.52 -7.27 -4.35
N THR I 51 23.34 -6.00 -4.71
CA THR I 51 24.36 -4.99 -4.41
C THR I 51 23.62 -3.90 -3.70
N ILE I 52 24.11 -3.57 -2.50
CA ILE I 52 23.49 -2.54 -1.68
C ILE I 52 24.28 -1.24 -1.66
N LYS I 53 23.62 -0.15 -2.04
CA LYS I 53 24.26 1.15 -2.10
C LYS I 53 23.76 1.99 -0.95
N THR I 54 24.67 2.67 -0.27
CA THR I 54 24.32 3.55 0.84
C THR I 54 25.56 4.22 1.44
N ASN I 55 25.40 5.39 2.03
CA ASN I 55 26.54 6.04 2.63
C ASN I 55 26.77 5.52 4.04
N ALA I 56 25.73 4.92 4.62
CA ALA I 56 25.80 4.38 5.96
C ALA I 56 26.29 2.96 5.84
N CYS I 57 27.51 2.77 5.34
CA CYS I 57 27.99 1.42 5.15
C CYS I 57 28.58 0.70 6.35
N HIS I 58 27.78 0.55 7.39
CA HIS I 58 28.21 -0.14 8.60
C HIS I 58 27.04 -0.96 9.21
N ASN I 59 27.38 -1.94 10.05
CA ASN I 59 26.33 -2.74 10.67
C ASN I 59 25.23 -1.81 11.22
N GLY I 60 24.00 -2.17 10.92
CA GLY I 60 22.88 -1.38 11.39
C GLY I 60 22.66 -0.09 10.64
N GLY I 61 23.23 0.10 9.45
CA GLY I 61 23.01 1.34 8.72
C GLY I 61 21.84 1.07 7.79
N GLY I 62 21.14 2.11 7.34
CA GLY I 62 20.00 1.89 6.49
C GLY I 62 20.26 2.02 5.00
N PHE I 63 19.36 1.52 4.15
CA PHE I 63 19.57 1.59 2.73
C PHE I 63 18.30 1.70 1.88
N SER I 64 18.40 2.36 0.75
CA SER I 64 17.24 2.52 -0.05
C SER I 64 17.54 2.01 -1.42
N GLU I 65 18.80 1.72 -1.75
CA GLU I 65 19.09 1.32 -3.11
C GLU I 65 19.65 -0.07 -3.25
N VAL I 66 19.06 -0.85 -4.15
CA VAL I 66 19.57 -2.21 -4.32
C VAL I 66 19.66 -2.62 -5.76
N ILE I 67 20.58 -3.52 -6.06
CA ILE I 67 20.64 -3.99 -7.42
C ILE I 67 20.48 -5.49 -7.40
N PHE I 68 19.66 -5.98 -8.31
CA PHE I 68 19.34 -7.39 -8.41
C PHE I 68 19.93 -8.09 -9.65
N ARG I 69 20.99 -8.87 -9.50
CA ARG I 69 21.55 -9.60 -10.63
C ARG I 69 21.33 -11.08 -10.35
N THR J 1 2.64 2.52 -28.54
CA THR J 1 3.99 3.16 -28.65
C THR J 1 5.05 2.26 -29.30
N PRO J 2 6.08 2.87 -29.94
CA PRO J 2 7.13 2.05 -30.59
C PRO J 2 7.99 1.15 -29.72
N ASP J 3 8.25 -0.05 -30.25
CA ASP J 3 9.09 -1.03 -29.60
C ASP J 3 10.41 -0.29 -29.41
N CYS J 4 11.10 -0.55 -28.32
CA CYS J 4 12.37 0.12 -28.08
C CYS J 4 13.54 -0.79 -27.70
N VAL J 5 13.24 -1.96 -27.14
CA VAL J 5 14.28 -2.92 -26.75
C VAL J 5 13.62 -4.25 -26.39
N THR J 6 14.23 -5.36 -26.76
CA THR J 6 13.66 -6.67 -26.42
C THR J 6 14.75 -7.64 -25.95
N GLY J 7 14.48 -8.39 -24.89
CA GLY J 7 15.45 -9.35 -24.40
C GLY J 7 15.17 -9.66 -22.96
N LYS J 8 16.10 -10.36 -22.32
CA LYS J 8 15.96 -10.70 -20.91
C LYS J 8 16.29 -9.48 -20.09
N VAL J 9 15.81 -9.46 -18.85
CA VAL J 9 16.10 -8.37 -17.92
C VAL J 9 17.45 -8.77 -17.38
N GLU J 10 18.49 -7.98 -17.64
CA GLU J 10 19.81 -8.37 -17.18
C GLU J 10 20.03 -8.02 -15.73
N TYR J 11 19.39 -6.95 -15.28
CA TYR J 11 19.46 -6.58 -13.86
C TYR J 11 18.46 -5.48 -13.59
N THR J 12 17.94 -5.46 -12.37
CA THR J 12 16.97 -4.47 -11.94
C THR J 12 17.59 -3.73 -10.78
N LYS J 13 17.15 -2.50 -10.51
CA LYS J 13 17.70 -1.74 -9.40
C LYS J 13 16.65 -0.81 -8.86
N TYR J 14 16.53 -0.82 -7.54
CA TYR J 14 15.58 -0.01 -6.81
C TYR J 14 16.31 1.29 -6.43
N ASN J 15 15.68 2.42 -6.74
CA ASN J 15 16.27 3.73 -6.50
C ASN J 15 15.72 4.51 -5.33
N ASP J 16 16.55 5.42 -4.81
CA ASP J 16 16.22 6.25 -3.68
C ASP J 16 14.89 6.96 -3.81
N ASP J 17 14.49 7.31 -5.03
CA ASP J 17 13.21 8.01 -5.23
C ASP J 17 11.99 7.09 -5.38
N ASP J 18 12.20 5.81 -5.12
CA ASP J 18 11.17 4.76 -5.21
C ASP J 18 10.85 4.37 -6.67
N THR J 19 11.63 4.90 -7.63
CA THR J 19 11.50 4.58 -9.05
C THR J 19 12.34 3.30 -9.27
N PHE J 20 12.13 2.61 -10.39
CA PHE J 20 12.79 1.32 -10.69
C PHE J 20 13.60 1.37 -12.00
N THR J 21 14.78 0.76 -12.02
CA THR J 21 15.56 0.74 -13.24
C THR J 21 15.73 -0.71 -13.70
N VAL J 22 15.61 -0.92 -15.01
CA VAL J 22 15.75 -2.24 -15.61
C VAL J 22 16.78 -2.08 -16.69
N LYS J 23 17.50 -3.14 -17.01
CA LYS J 23 18.51 -3.08 -18.05
C LYS J 23 18.18 -4.21 -19.00
N VAL J 24 17.58 -3.86 -20.13
CA VAL J 24 17.25 -4.85 -21.16
C VAL J 24 18.07 -4.47 -22.37
N GLY J 25 18.49 -5.47 -23.15
CA GLY J 25 19.29 -5.19 -24.32
C GLY J 25 20.52 -4.36 -23.99
N ASP J 26 20.63 -3.20 -24.61
CA ASP J 26 21.75 -2.30 -24.42
C ASP J 26 21.29 -1.05 -23.68
N LYS J 27 19.99 -0.76 -23.80
CA LYS J 27 19.42 0.41 -23.16
C LYS J 27 19.21 0.15 -21.68
N GLU J 28 19.24 1.22 -20.88
CA GLU J 28 19.00 1.10 -19.45
C GLU J 28 17.98 2.15 -19.03
N LEU J 29 16.71 1.82 -19.20
CA LEU J 29 15.59 2.71 -18.88
C LEU J 29 15.02 2.51 -17.48
N PHE J 30 14.13 3.41 -17.04
CA PHE J 30 13.53 3.31 -15.70
C PHE J 30 12.00 3.45 -15.78
N THR J 31 11.32 3.47 -14.63
CA THR J 31 9.87 3.59 -14.61
C THR J 31 9.53 3.99 -13.21
N ASN J 32 8.41 4.69 -13.05
CA ASN J 32 8.00 5.17 -11.75
C ASN J 32 6.70 4.56 -11.27
N ARG J 33 6.17 3.60 -12.03
CA ARG J 33 4.92 2.93 -11.66
C ARG J 33 5.15 1.83 -10.60
N TRP J 34 4.80 2.12 -9.34
CA TRP J 34 5.02 1.15 -8.27
C TRP J 34 4.59 -0.29 -8.65
N ASN J 35 3.54 -0.42 -9.47
CA ASN J 35 3.03 -1.74 -9.89
C ASN J 35 4.02 -2.57 -10.66
N LEU J 36 4.71 -1.96 -11.61
CA LEU J 36 5.72 -2.65 -12.41
C LEU J 36 6.94 -3.22 -11.67
N GLN J 37 7.13 -2.92 -10.38
CA GLN J 37 8.31 -3.43 -9.66
C GLN J 37 8.32 -4.93 -9.52
N SER J 38 7.32 -5.49 -8.87
CA SER J 38 7.24 -6.94 -8.69
C SER J 38 7.18 -7.66 -10.04
N LEU J 39 6.31 -7.19 -10.92
CA LEU J 39 6.15 -7.82 -12.23
C LEU J 39 7.47 -7.94 -12.97
N LEU J 40 8.30 -6.91 -12.86
CA LEU J 40 9.59 -6.93 -13.54
C LEU J 40 10.59 -7.90 -12.91
N LEU J 41 10.64 -7.93 -11.59
CA LEU J 41 11.55 -8.86 -10.92
C LEU J 41 11.13 -10.31 -11.26
N SER J 42 9.82 -10.58 -11.36
CA SER J 42 9.36 -11.92 -11.67
C SER J 42 9.85 -12.31 -13.04
N ALA J 43 9.81 -11.35 -13.95
CA ALA J 43 10.23 -11.60 -15.33
C ALA J 43 11.70 -11.88 -15.30
N GLN J 44 12.42 -11.13 -14.46
CA GLN J 44 13.83 -11.32 -14.35
C GLN J 44 14.22 -12.66 -13.73
N ILE J 45 13.33 -13.27 -12.95
CA ILE J 45 13.68 -14.51 -12.26
C ILE J 45 13.47 -15.78 -13.09
N THR J 46 12.31 -15.82 -13.71
CA THR J 46 11.85 -16.94 -14.51
C THR J 46 12.51 -16.88 -15.86
N GLY J 47 13.19 -15.77 -16.14
CA GLY J 47 13.87 -15.61 -17.40
C GLY J 47 13.03 -15.19 -18.59
N MET J 48 11.82 -14.68 -18.39
CA MET J 48 10.96 -14.27 -19.51
C MET J 48 11.61 -13.21 -20.40
N THR J 49 11.19 -13.18 -21.66
CA THR J 49 11.67 -12.22 -22.64
C THR J 49 10.65 -11.12 -22.59
N VAL J 50 11.09 -9.88 -22.34
CA VAL J 50 10.17 -8.74 -22.28
C VAL J 50 10.44 -7.78 -23.44
N THR J 51 9.48 -6.92 -23.70
CA THR J 51 9.64 -5.96 -24.77
C THR J 51 9.24 -4.65 -24.10
N ILE J 52 10.02 -3.59 -24.31
CA ILE J 52 9.74 -2.30 -23.68
C ILE J 52 9.44 -1.24 -24.71
N LYS J 53 8.28 -0.62 -24.58
CA LYS J 53 7.85 0.40 -25.53
C LYS J 53 8.03 1.79 -25.00
N THR J 54 8.87 2.58 -25.65
CA THR J 54 9.06 3.94 -25.18
C THR J 54 9.67 4.87 -26.23
N ASN J 55 9.45 6.16 -26.02
CA ASN J 55 9.99 7.16 -26.94
C ASN J 55 11.32 7.69 -26.43
N ALA J 56 11.43 7.81 -25.12
CA ALA J 56 12.68 8.23 -24.50
C ALA J 56 13.64 7.02 -24.62
N CYS J 57 13.65 6.35 -25.78
CA CYS J 57 14.48 5.17 -25.96
C CYS J 57 16.00 5.36 -25.92
N HIS J 58 16.50 5.82 -24.80
CA HIS J 58 17.93 6.02 -24.65
C HIS J 58 18.31 5.83 -23.17
N ASN J 59 19.57 5.48 -22.91
CA ASN J 59 20.02 5.28 -21.54
C ASN J 59 19.52 6.40 -20.61
N GLY J 60 18.90 6.00 -19.50
CA GLY J 60 18.38 6.95 -18.52
C GLY J 60 16.97 7.45 -18.79
N GLY J 61 16.40 7.05 -19.94
CA GLY J 61 15.05 7.45 -20.33
C GLY J 61 13.97 6.63 -19.67
N GLY J 62 12.79 7.22 -19.41
CA GLY J 62 11.71 6.51 -18.73
C GLY J 62 10.70 5.74 -19.57
N PHE J 63 9.99 4.78 -18.96
CA PHE J 63 8.99 3.96 -19.64
C PHE J 63 7.77 3.53 -18.81
N SER J 64 6.72 3.11 -19.51
CA SER J 64 5.52 2.66 -18.83
C SER J 64 4.83 1.45 -19.51
N GLU J 65 5.12 1.20 -20.78
CA GLU J 65 4.49 0.06 -21.46
C GLU J 65 5.45 -1.12 -21.50
N VAL J 66 4.98 -2.31 -21.07
CA VAL J 66 5.81 -3.53 -21.08
C VAL J 66 5.01 -4.69 -21.58
N ILE J 67 5.66 -5.57 -22.31
CA ILE J 67 5.02 -6.79 -22.78
C ILE J 67 5.89 -7.95 -22.30
N PHE J 68 5.21 -8.83 -21.58
CA PHE J 68 5.77 -10.02 -20.96
C PHE J 68 5.42 -11.20 -21.83
N ARG J 69 6.45 -11.81 -22.41
CA ARG J 69 6.26 -12.93 -23.30
C ARG J 69 6.71 -14.25 -22.68
N THR K 1 -22.16 -13.18 -15.39
CA THR K 1 -21.49 -12.84 -16.67
C THR K 1 -21.14 -14.11 -17.47
N PRO K 2 -21.13 -14.00 -18.81
CA PRO K 2 -20.82 -15.05 -19.78
C PRO K 2 -19.35 -15.48 -19.82
N ASP K 3 -19.11 -16.74 -20.17
CA ASP K 3 -17.76 -17.27 -20.26
C ASP K 3 -17.04 -16.73 -21.50
N CYS K 4 -16.57 -15.49 -21.49
CA CYS K 4 -15.90 -14.95 -22.68
C CYS K 4 -14.73 -15.70 -23.35
N VAL K 5 -14.00 -16.57 -22.65
CA VAL K 5 -12.90 -17.29 -23.30
C VAL K 5 -12.12 -18.11 -22.27
N THR K 6 -11.53 -19.23 -22.68
CA THR K 6 -10.87 -20.07 -21.72
C THR K 6 -9.65 -20.65 -22.30
N GLY K 7 -8.56 -20.60 -21.54
CA GLY K 7 -7.31 -21.18 -22.01
C GLY K 7 -6.16 -20.70 -21.18
N LYS K 8 -4.97 -20.87 -21.75
CA LYS K 8 -3.73 -20.49 -21.16
C LYS K 8 -3.52 -19.00 -21.43
N VAL K 9 -2.49 -18.42 -20.81
CA VAL K 9 -2.19 -17.02 -21.02
C VAL K 9 -0.98 -16.94 -21.94
N GLU K 10 -1.26 -16.48 -23.16
CA GLU K 10 -0.33 -16.30 -24.28
C GLU K 10 0.81 -15.38 -23.94
N TYR K 11 0.43 -14.15 -23.52
CA TYR K 11 1.32 -13.05 -23.09
C TYR K 11 0.56 -11.95 -22.35
N THR K 12 1.30 -11.10 -21.65
CA THR K 12 0.66 -9.99 -20.92
C THR K 12 1.33 -8.66 -21.26
N LYS K 13 0.67 -7.58 -20.89
CA LYS K 13 1.16 -6.28 -21.21
C LYS K 13 0.69 -5.24 -20.19
N TYR K 14 1.62 -4.41 -19.71
CA TYR K 14 1.29 -3.32 -18.77
C TYR K 14 1.10 -2.05 -19.65
N ASN K 15 -0.08 -1.47 -19.58
CA ASN K 15 -0.38 -0.31 -20.38
C ASN K 15 -0.01 1.01 -19.78
N ASP K 16 -0.05 2.01 -20.65
CA ASP K 16 0.27 3.38 -20.33
C ASP K 16 -0.51 4.03 -19.21
N ASP K 17 -1.69 3.50 -18.92
CA ASP K 17 -2.53 4.07 -17.86
C ASP K 17 -2.71 3.16 -16.65
N ASP K 18 -1.75 2.24 -16.46
CA ASP K 18 -1.74 1.31 -15.34
C ASP K 18 -2.82 0.19 -15.42
N THR K 19 -3.34 -0.06 -16.62
CA THR K 19 -4.33 -1.13 -16.84
C THR K 19 -3.52 -2.29 -17.33
N PHE K 20 -4.01 -3.50 -17.14
CA PHE K 20 -3.23 -4.66 -17.56
C PHE K 20 -3.94 -5.34 -18.71
N THR K 21 -3.19 -5.83 -19.69
CA THR K 21 -3.83 -6.51 -20.81
C THR K 21 -3.36 -7.95 -20.83
N VAL K 22 -4.27 -8.87 -21.12
CA VAL K 22 -3.93 -10.30 -21.19
C VAL K 22 -4.47 -10.93 -22.48
N LYS K 23 -3.75 -11.93 -23.00
CA LYS K 23 -4.15 -12.62 -24.23
C LYS K 23 -4.39 -14.11 -23.94
N VAL K 24 -5.67 -14.48 -23.95
CA VAL K 24 -6.15 -15.85 -23.70
C VAL K 24 -6.92 -16.31 -24.95
N GLY K 25 -6.45 -17.38 -25.57
CA GLY K 25 -7.11 -17.84 -26.76
C GLY K 25 -6.81 -16.90 -27.93
N ASP K 26 -7.87 -16.28 -28.43
CA ASP K 26 -7.81 -15.37 -29.56
C ASP K 26 -8.02 -13.90 -29.18
N LYS K 27 -8.89 -13.63 -28.20
CA LYS K 27 -9.17 -12.26 -27.74
C LYS K 27 -8.08 -11.65 -26.80
N GLU K 28 -7.93 -10.32 -26.91
CA GLU K 28 -6.99 -9.55 -26.12
C GLU K 28 -7.89 -8.69 -25.23
N LEU K 29 -7.79 -8.85 -23.92
CA LEU K 29 -8.64 -8.10 -22.98
C LEU K 29 -7.81 -7.39 -21.91
N PHE K 30 -8.38 -6.38 -21.28
CA PHE K 30 -7.64 -5.67 -20.25
C PHE K 30 -8.46 -5.55 -18.96
N THR K 31 -7.89 -4.92 -17.93
CA THR K 31 -8.61 -4.77 -16.66
C THR K 31 -7.95 -3.70 -15.83
N ASN K 32 -8.79 -2.97 -15.12
CA ASN K 32 -8.31 -1.91 -14.25
C ASN K 32 -8.16 -2.42 -12.81
N ARG K 33 -8.44 -3.70 -12.56
CA ARG K 33 -8.28 -4.24 -11.21
C ARG K 33 -6.84 -4.54 -10.93
N TRP K 34 -6.15 -3.60 -10.31
CA TRP K 34 -4.75 -3.76 -9.96
C TRP K 34 -4.37 -5.11 -9.38
N ASN K 35 -5.24 -5.68 -8.56
CA ASN K 35 -4.91 -6.94 -7.92
C ASN K 35 -4.82 -8.16 -8.79
N LEU K 36 -5.12 -8.01 -10.06
CA LEU K 36 -5.07 -9.21 -10.86
C LEU K 36 -3.84 -9.31 -11.69
N GLN K 37 -3.05 -8.22 -11.77
CA GLN K 37 -1.83 -8.22 -12.58
C GLN K 37 -0.82 -9.25 -12.09
N SER K 38 -0.67 -9.31 -10.78
CA SER K 38 0.24 -10.25 -10.17
C SER K 38 -0.24 -11.70 -10.36
N LEU K 39 -1.53 -11.95 -10.16
CA LEU K 39 -2.10 -13.30 -10.28
C LEU K 39 -2.08 -13.79 -11.72
N LEU K 40 -2.31 -12.90 -12.68
CA LEU K 40 -2.32 -13.22 -14.11
C LEU K 40 -0.91 -13.53 -14.62
N LEU K 41 0.06 -12.70 -14.26
CA LEU K 41 1.44 -12.96 -14.65
C LEU K 41 1.82 -14.31 -14.04
N SER K 42 1.26 -14.65 -12.87
CA SER K 42 1.56 -15.95 -12.25
C SER K 42 1.01 -17.11 -13.07
N ALA K 43 -0.20 -16.90 -13.61
CA ALA K 43 -0.86 -17.90 -14.42
C ALA K 43 -0.06 -18.06 -15.70
N GLN K 44 0.59 -16.98 -16.14
CA GLN K 44 1.38 -17.08 -17.34
C GLN K 44 2.62 -17.94 -17.07
N ILE K 45 3.30 -17.68 -15.97
CA ILE K 45 4.52 -18.39 -15.64
C ILE K 45 4.36 -19.86 -15.37
N THR K 46 3.23 -20.27 -14.80
CA THR K 46 2.99 -21.68 -14.44
C THR K 46 2.09 -22.39 -15.42
N GLY K 47 1.49 -21.62 -16.30
CA GLY K 47 0.64 -22.20 -17.30
C GLY K 47 -0.70 -22.63 -16.77
N MET K 48 -1.24 -21.95 -15.77
CA MET K 48 -2.58 -22.32 -15.31
C MET K 48 -3.59 -21.95 -16.39
N THR K 49 -4.72 -22.61 -16.34
CA THR K 49 -5.82 -22.31 -17.26
C THR K 49 -6.66 -21.24 -16.56
N VAL K 50 -7.11 -20.25 -17.29
CA VAL K 50 -7.97 -19.26 -16.68
C VAL K 50 -9.19 -19.10 -17.58
N THR K 51 -10.32 -18.73 -16.99
CA THR K 51 -11.54 -18.55 -17.75
C THR K 51 -11.94 -17.11 -17.53
N ILE K 52 -12.10 -16.33 -18.59
CA ILE K 52 -12.46 -14.97 -18.37
C ILE K 52 -13.93 -14.65 -18.65
N LYS K 53 -14.53 -13.83 -17.81
CA LYS K 53 -15.94 -13.46 -17.92
C LYS K 53 -16.18 -11.99 -18.16
N THR K 54 -16.90 -11.70 -19.22
CA THR K 54 -17.18 -10.32 -19.53
C THR K 54 -18.23 -10.24 -20.62
N ASN K 55 -18.85 -9.08 -20.74
CA ASN K 55 -19.85 -8.86 -21.79
C ASN K 55 -19.10 -8.31 -23.02
N ALA K 56 -17.95 -7.69 -22.77
CA ALA K 56 -17.11 -7.10 -23.80
C ALA K 56 -16.22 -8.13 -24.45
N CYS K 57 -16.76 -9.32 -24.69
CA CYS K 57 -15.95 -10.36 -25.29
C CYS K 57 -15.36 -10.05 -26.67
N HIS K 58 -14.77 -8.88 -26.81
CA HIS K 58 -14.17 -8.50 -28.08
C HIS K 58 -12.78 -7.93 -27.84
N ASN K 59 -11.91 -8.03 -28.83
CA ASN K 59 -10.58 -7.50 -28.69
C ASN K 59 -10.61 -6.07 -28.16
N GLY K 60 -9.95 -5.83 -27.03
CA GLY K 60 -9.87 -4.50 -26.45
C GLY K 60 -10.85 -4.18 -25.35
N GLY K 61 -11.78 -5.10 -25.13
CA GLY K 61 -12.78 -4.92 -24.09
C GLY K 61 -12.23 -5.25 -22.72
N GLY K 62 -12.86 -4.70 -21.69
CA GLY K 62 -12.37 -4.90 -20.34
C GLY K 62 -13.14 -5.91 -19.51
N PHE K 63 -12.42 -6.77 -18.78
CA PHE K 63 -13.09 -7.76 -17.95
C PHE K 63 -12.88 -7.49 -16.49
N SER K 64 -13.62 -8.23 -15.68
CA SER K 64 -13.55 -8.06 -14.25
C SER K 64 -13.58 -9.37 -13.47
N GLU K 65 -14.33 -10.37 -13.95
CA GLU K 65 -14.43 -11.65 -13.27
C GLU K 65 -13.41 -12.58 -13.88
N VAL K 66 -12.82 -13.46 -13.07
CA VAL K 66 -11.84 -14.41 -13.60
C VAL K 66 -11.92 -15.68 -12.82
N ILE K 67 -11.76 -16.81 -13.48
CA ILE K 67 -11.81 -18.06 -12.79
C ILE K 67 -10.49 -18.74 -12.97
N PHE K 68 -9.75 -18.88 -11.87
CA PHE K 68 -8.46 -19.56 -11.91
C PHE K 68 -8.71 -21.03 -11.61
N ARG K 69 -8.29 -21.90 -12.53
CA ARG K 69 -8.48 -23.33 -12.34
C ARG K 69 -7.27 -24.12 -12.76
N THR L 1 -14.30 -22.66 16.50
CA THR L 1 -14.99 -22.98 15.21
C THR L 1 -14.68 -24.36 14.67
N PRO L 2 -15.65 -24.99 14.02
CA PRO L 2 -15.43 -26.34 13.47
C PRO L 2 -14.89 -26.47 12.04
N ASP L 3 -14.22 -27.59 11.77
CA ASP L 3 -13.69 -27.87 10.44
C ASP L 3 -14.91 -27.95 9.51
N CYS L 4 -14.74 -27.57 8.24
CA CYS L 4 -15.84 -27.65 7.27
C CYS L 4 -15.46 -28.54 6.08
N VAL L 5 -14.45 -28.14 5.34
CA VAL L 5 -14.03 -28.93 4.20
C VAL L 5 -12.49 -28.90 4.18
N THR L 6 -11.84 -29.89 3.54
CA THR L 6 -10.37 -29.96 3.48
C THR L 6 -9.98 -30.54 2.12
N GLY L 7 -8.92 -30.02 1.51
CA GLY L 7 -8.48 -30.53 0.23
C GLY L 7 -7.68 -29.48 -0.53
N LYS L 8 -7.36 -29.71 -1.81
CA LYS L 8 -6.66 -28.69 -2.55
C LYS L 8 -7.71 -27.66 -3.02
N VAL L 9 -7.27 -26.53 -3.56
CA VAL L 9 -8.20 -25.53 -4.02
C VAL L 9 -8.45 -25.83 -5.49
N GLU L 10 -9.61 -26.40 -5.77
CA GLU L 10 -9.97 -26.73 -7.13
C GLU L 10 -9.96 -25.47 -8.00
N TYR L 11 -10.70 -24.45 -7.59
CA TYR L 11 -10.72 -23.25 -8.38
C TYR L 11 -11.02 -22.05 -7.52
N THR L 12 -10.56 -20.87 -7.91
CA THR L 12 -10.87 -19.66 -7.17
C THR L 12 -11.44 -18.77 -8.26
N LYS L 13 -12.51 -18.05 -7.96
CA LYS L 13 -13.06 -17.16 -8.94
C LYS L 13 -13.26 -15.77 -8.35
N TYR L 14 -12.41 -14.85 -8.80
CA TYR L 14 -12.47 -13.47 -8.38
C TYR L 14 -13.76 -12.98 -9.05
N ASN L 15 -14.88 -12.99 -8.32
CA ASN L 15 -16.18 -12.57 -8.87
C ASN L 15 -16.19 -11.11 -9.25
N ASP L 16 -17.26 -10.63 -9.88
CA ASP L 16 -17.27 -9.21 -10.29
C ASP L 16 -17.69 -8.22 -9.18
N ASP L 17 -18.81 -8.49 -8.48
CA ASP L 17 -19.30 -7.58 -7.41
C ASP L 17 -18.10 -7.24 -6.48
N ASP L 18 -17.19 -8.20 -6.42
CA ASP L 18 -15.93 -8.18 -5.71
C ASP L 18 -15.79 -9.24 -4.60
N THR L 19 -16.84 -10.05 -4.39
CA THR L 19 -16.81 -11.14 -3.40
C THR L 19 -15.88 -12.23 -3.95
N PHE L 20 -15.14 -12.90 -3.06
CA PHE L 20 -14.19 -13.95 -3.46
C PHE L 20 -14.72 -15.41 -3.25
N THR L 21 -14.36 -16.33 -4.14
CA THR L 21 -14.86 -17.71 -4.05
C THR L 21 -13.81 -18.80 -4.23
N VAL L 22 -13.85 -19.83 -3.38
CA VAL L 22 -12.93 -20.97 -3.52
C VAL L 22 -13.69 -22.27 -3.47
N LYS L 23 -13.32 -23.23 -4.31
CA LYS L 23 -13.97 -24.50 -4.23
C LYS L 23 -12.95 -25.44 -3.60
N VAL L 24 -13.27 -25.85 -2.38
CA VAL L 24 -12.45 -26.80 -1.62
C VAL L 24 -13.45 -27.92 -1.22
N GLY L 25 -13.11 -29.16 -1.54
CA GLY L 25 -14.00 -30.28 -1.26
C GLY L 25 -15.22 -30.24 -2.18
N ASP L 26 -16.39 -30.29 -1.56
CA ASP L 26 -17.65 -30.25 -2.28
C ASP L 26 -18.36 -28.99 -1.81
N LYS L 27 -17.60 -27.90 -1.71
CA LYS L 27 -18.19 -26.64 -1.27
C LYS L 27 -17.59 -25.44 -2.00
N GLU L 28 -18.45 -24.45 -2.26
CA GLU L 28 -18.04 -23.22 -2.89
C GLU L 28 -18.20 -22.24 -1.74
N LEU L 29 -17.09 -21.71 -1.26
CA LEU L 29 -17.10 -20.82 -0.11
C LEU L 29 -16.58 -19.43 -0.46
N PHE L 30 -16.96 -18.40 0.28
CA PHE L 30 -16.48 -17.05 -0.05
C PHE L 30 -15.93 -16.27 1.18
N THR L 31 -15.00 -15.35 0.92
CA THR L 31 -14.47 -14.54 2.00
C THR L 31 -14.27 -13.10 1.53
N ASN L 32 -14.49 -12.15 2.42
CA ASN L 32 -14.34 -10.73 2.07
C ASN L 32 -13.00 -10.15 2.46
N ARG L 33 -12.16 -10.91 3.18
CA ARG L 33 -10.85 -10.42 3.65
C ARG L 33 -9.81 -10.10 2.58
N TRP L 34 -9.38 -8.83 2.53
CA TRP L 34 -8.41 -8.36 1.55
C TRP L 34 -7.22 -9.29 1.47
N ASN L 35 -6.57 -9.55 2.62
CA ASN L 35 -5.37 -10.36 2.64
C ASN L 35 -5.58 -11.86 2.58
N LEU L 36 -6.60 -12.37 3.24
CA LEU L 36 -6.87 -13.79 3.21
C LEU L 36 -6.99 -14.30 1.77
N GLN L 37 -7.32 -13.42 0.83
CA GLN L 37 -7.49 -13.83 -0.54
C GLN L 37 -6.21 -14.09 -1.29
N SER L 38 -5.13 -13.40 -0.94
CA SER L 38 -3.86 -13.62 -1.68
C SER L 38 -3.20 -14.91 -1.24
N LEU L 39 -3.39 -15.22 0.05
CA LEU L 39 -2.84 -16.39 0.69
C LEU L 39 -3.50 -17.56 0.00
N LEU L 40 -4.82 -17.45 -0.18
CA LEU L 40 -5.55 -18.52 -0.85
C LEU L 40 -5.10 -18.64 -2.27
N LEU L 41 -4.75 -17.52 -2.87
CA LEU L 41 -4.26 -17.59 -4.22
C LEU L 41 -2.93 -18.34 -4.26
N SER L 42 -2.01 -17.98 -3.37
CA SER L 42 -0.71 -18.66 -3.29
C SER L 42 -0.93 -20.12 -2.95
N ALA L 43 -2.02 -20.38 -2.24
CA ALA L 43 -2.31 -21.74 -1.85
C ALA L 43 -2.64 -22.52 -3.07
N GLN L 44 -3.60 -22.01 -3.82
CA GLN L 44 -4.03 -22.68 -5.01
C GLN L 44 -2.93 -22.93 -5.98
N ILE L 45 -2.33 -21.84 -6.44
CA ILE L 45 -1.27 -21.95 -7.44
C ILE L 45 0.01 -22.73 -7.05
N THR L 46 0.07 -23.35 -5.88
CA THR L 46 1.25 -24.14 -5.47
C THR L 46 0.76 -25.48 -4.95
N GLY L 47 -0.55 -25.66 -4.92
CA GLY L 47 -1.11 -26.92 -4.53
C GLY L 47 -1.14 -27.35 -3.09
N MET L 48 -1.30 -26.42 -2.13
CA MET L 48 -1.36 -26.79 -0.70
C MET L 48 -2.72 -27.33 -0.46
N THR L 49 -2.92 -27.86 0.73
CA THR L 49 -4.18 -28.42 1.17
C THR L 49 -4.59 -27.47 2.25
N VAL L 50 -5.85 -27.04 2.24
CA VAL L 50 -6.26 -26.10 3.27
C VAL L 50 -7.43 -26.72 4.00
N THR L 51 -7.69 -26.25 5.19
CA THR L 51 -8.84 -26.74 5.88
C THR L 51 -9.56 -25.44 6.14
N ILE L 52 -10.78 -25.31 5.66
CA ILE L 52 -11.50 -24.09 5.91
C ILE L 52 -12.45 -24.36 7.06
N LYS L 53 -12.49 -23.43 8.01
CA LYS L 53 -13.34 -23.55 9.19
C LYS L 53 -14.49 -22.54 9.15
N THR L 54 -15.68 -23.01 9.51
CA THR L 54 -16.84 -22.13 9.49
C THR L 54 -18.14 -22.79 9.97
N ASN L 55 -19.07 -21.97 10.44
CA ASN L 55 -20.37 -22.53 10.83
C ASN L 55 -21.19 -22.66 9.53
N ALA L 56 -21.13 -21.63 8.67
CA ALA L 56 -21.83 -21.61 7.37
C ALA L 56 -21.30 -22.70 6.40
N CYS L 57 -21.22 -23.95 6.84
CA CYS L 57 -20.67 -24.97 5.98
C CYS L 57 -21.63 -25.51 4.94
N HIS L 58 -21.90 -24.71 3.90
CA HIS L 58 -22.82 -25.06 2.79
C HIS L 58 -22.45 -24.21 1.58
N ASN L 59 -22.90 -24.55 0.37
CA ASN L 59 -22.54 -23.70 -0.78
C ASN L 59 -22.85 -22.22 -0.44
N GLY L 60 -22.01 -21.30 -0.89
CA GLY L 60 -22.28 -19.91 -0.57
C GLY L 60 -21.96 -19.53 0.88
N GLY L 61 -21.53 -20.51 1.68
CA GLY L 61 -21.18 -20.23 3.07
C GLY L 61 -19.92 -19.37 3.18
N GLY L 62 -19.86 -18.53 4.22
CA GLY L 62 -18.72 -17.66 4.44
C GLY L 62 -17.75 -18.15 5.51
N PHE L 63 -16.47 -17.90 5.27
CA PHE L 63 -15.42 -18.32 6.19
C PHE L 63 -14.43 -17.20 6.40
N SER L 64 -13.66 -17.33 7.48
CA SER L 64 -12.61 -16.35 7.82
C SER L 64 -11.47 -17.07 8.57
N GLU L 65 -11.56 -18.39 8.64
CA GLU L 65 -10.54 -19.17 9.31
C GLU L 65 -10.04 -20.17 8.32
N VAL L 66 -8.73 -20.27 8.14
CA VAL L 66 -8.15 -21.22 7.20
C VAL L 66 -6.86 -21.68 7.80
N ILE L 67 -6.54 -22.95 7.56
CA ILE L 67 -5.32 -23.54 8.01
C ILE L 67 -4.60 -24.01 6.77
N PHE L 68 -3.45 -23.42 6.47
CA PHE L 68 -2.64 -23.82 5.32
C PHE L 68 -1.69 -24.91 5.81
N ARG L 69 -1.85 -26.11 5.24
CA ARG L 69 -1.08 -27.28 5.58
C ARG L 69 0.20 -27.45 4.76
#